data_1CSL
# 
_entry.id   1CSL 
# 
_audit_conform.dict_name       mmcif_pdbx.dic 
_audit_conform.dict_version    5.385 
_audit_conform.dict_location   http://mmcif.pdb.org/dictionaries/ascii/mmcif_pdbx.dic 
# 
loop_
_database_2.database_id 
_database_2.database_code 
_database_2.pdbx_database_accession 
_database_2.pdbx_DOI 
PDB   1CSL         pdb_00001csl 10.2210/pdb1csl/pdb 
NDB   AR0023       ?            ?                   
RCSB  RCSB009528   ?            ?                   
WWPDB D_1000009528 ?            ?                   
# 
loop_
_pdbx_audit_revision_history.ordinal 
_pdbx_audit_revision_history.data_content_type 
_pdbx_audit_revision_history.major_revision 
_pdbx_audit_revision_history.minor_revision 
_pdbx_audit_revision_history.revision_date 
1 'Structure model' 1 0 2000-02-14 
2 'Structure model' 1 1 2008-04-27 
3 'Structure model' 1 2 2011-07-13 
4 'Structure model' 1 3 2011-12-28 
5 'Structure model' 1 4 2024-02-07 
# 
_pdbx_audit_revision_details.ordinal             1 
_pdbx_audit_revision_details.revision_ordinal    1 
_pdbx_audit_revision_details.data_content_type   'Structure model' 
_pdbx_audit_revision_details.provider            repository 
_pdbx_audit_revision_details.type                'Initial release' 
_pdbx_audit_revision_details.description         ? 
_pdbx_audit_revision_details.details             ? 
# 
loop_
_pdbx_audit_revision_group.ordinal 
_pdbx_audit_revision_group.revision_ordinal 
_pdbx_audit_revision_group.data_content_type 
_pdbx_audit_revision_group.group 
1 2 'Structure model' 'Version format compliance' 
2 3 'Structure model' 'Version format compliance' 
3 4 'Structure model' Advisory                    
4 5 'Structure model' 'Data collection'           
5 5 'Structure model' 'Database references'       
# 
loop_
_pdbx_audit_revision_category.ordinal 
_pdbx_audit_revision_category.revision_ordinal 
_pdbx_audit_revision_category.data_content_type 
_pdbx_audit_revision_category.category 
1 5 'Structure model' chem_comp_atom 
2 5 'Structure model' chem_comp_bond 
3 5 'Structure model' database_2     
# 
loop_
_pdbx_audit_revision_item.ordinal 
_pdbx_audit_revision_item.revision_ordinal 
_pdbx_audit_revision_item.data_content_type 
_pdbx_audit_revision_item.item 
1 5 'Structure model' '_database_2.pdbx_DOI'                
2 5 'Structure model' '_database_2.pdbx_database_accession' 
# 
_database_PDB_caveat.id     1 
_database_PDB_caveat.text   
;CHIRALITY OF C2' U 78 B IS INCORRECT
;
# 
_pdbx_database_status.status_code                     REL 
_pdbx_database_status.entry_id                        1CSL 
_pdbx_database_status.recvd_initial_deposition_date   1999-08-18 
_pdbx_database_status.deposit_site                    RCSB 
_pdbx_database_status.process_site                    RCSB 
_pdbx_database_status.status_code_sf                  REL 
_pdbx_database_status.SG_entry                        . 
_pdbx_database_status.status_code_mr                  ? 
_pdbx_database_status.status_code_cs                  ? 
_pdbx_database_status.pdb_format_compatible           Y 
_pdbx_database_status.status_code_nmr_data            ? 
_pdbx_database_status.methods_development_category    ? 
# 
loop_
_audit_author.name 
_audit_author.pdbx_ordinal 
'Ippolito, J.A.' 1 
'Steitz, T.A.'   2 
# 
_citation.id                        primary 
_citation.title                     'The structure of the HIV-1 RRE high affinity rev binding site at 1.6 A resolution.' 
_citation.journal_abbrev            J.Mol.Biol. 
_citation.journal_volume            295 
_citation.page_first                711 
_citation.page_last                 717 
_citation.year                      2000 
_citation.journal_id_ASTM           JMOBAK 
_citation.country                   UK 
_citation.journal_id_ISSN           0022-2836 
_citation.journal_id_CSD            0070 
_citation.book_publisher            ? 
_citation.pdbx_database_id_PubMed   10656783 
_citation.pdbx_database_id_DOI      10.1006/jmbi.1999.3405 
# 
loop_
_citation_author.citation_id 
_citation_author.name 
_citation_author.ordinal 
_citation_author.identifier_ORCID 
primary 'Ippolito, J.A.' 1 ? 
primary 'Steitz, T.A.'   2 ? 
# 
loop_
_entity.id 
_entity.type 
_entity.src_method 
_entity.pdbx_description 
_entity.formula_weight 
_entity.pdbx_number_of_molecules 
_entity.pdbx_ec 
_entity.pdbx_mutation 
_entity.pdbx_fragment 
_entity.details 
1 polymer syn "5'-R(*AP*AP*CP*GP*GP*GP*CP*GP*CP*AP*GP*AP*A)-3'"       4242.646 1   ? ? 'HIGH AFFINITY REV BINDING SITE' ? 
2 polymer syn "5'-R(*UP*CP*UP*GP*AP*CP*GP*GP*UP*AP*CP*GP*UP*UP*U)-3'" 4746.817 1   ? ? ?                                ? 
3 water   nat water                                                   18.015   144 ? ? ?                                ? 
# 
loop_
_entity_poly.entity_id 
_entity_poly.type 
_entity_poly.nstd_linkage 
_entity_poly.nstd_monomer 
_entity_poly.pdbx_seq_one_letter_code 
_entity_poly.pdbx_seq_one_letter_code_can 
_entity_poly.pdbx_strand_id 
_entity_poly.pdbx_target_identifier 
1 polyribonucleotide no no AACGGGCGCAGAA   AACGGGCGCAGAA   A ? 
2 polyribonucleotide no no UCUGACGGUACGUUU UCUGACGGUACGUUU B ? 
# 
_pdbx_entity_nonpoly.entity_id   3 
_pdbx_entity_nonpoly.name        water 
_pdbx_entity_nonpoly.comp_id     HOH 
# 
loop_
_entity_poly_seq.entity_id 
_entity_poly_seq.num 
_entity_poly_seq.mon_id 
_entity_poly_seq.hetero 
1 1  A n 
1 2  A n 
1 3  C n 
1 4  G n 
1 5  G n 
1 6  G n 
1 7  C n 
1 8  G n 
1 9  C n 
1 10 A n 
1 11 G n 
1 12 A n 
1 13 A n 
2 1  U n 
2 2  C n 
2 3  U n 
2 4  G n 
2 5  A n 
2 6  C n 
2 7  G n 
2 8  G n 
2 9  U n 
2 10 A n 
2 11 C n 
2 12 G n 
2 13 U n 
2 14 U n 
2 15 U n 
# 
_pdbx_entity_src_syn.entity_id              1 
_pdbx_entity_src_syn.pdbx_src_id            1 
_pdbx_entity_src_syn.pdbx_alt_source_flag   sample 
_pdbx_entity_src_syn.pdbx_beg_seq_num       ? 
_pdbx_entity_src_syn.pdbx_end_seq_num       ? 
_pdbx_entity_src_syn.organism_scientific    ? 
_pdbx_entity_src_syn.organism_common_name   ? 
_pdbx_entity_src_syn.ncbi_taxonomy_id       ? 
_pdbx_entity_src_syn.details                'SEQUENCE NATURALLY OCCURS IN RRE OF HIV-1' 
# 
loop_
_chem_comp.id 
_chem_comp.type 
_chem_comp.mon_nstd_flag 
_chem_comp.name 
_chem_comp.pdbx_synonyms 
_chem_comp.formula 
_chem_comp.formula_weight 
A   'RNA linking' y "ADENOSINE-5'-MONOPHOSPHATE" ? 'C10 H14 N5 O7 P' 347.221 
C   'RNA linking' y "CYTIDINE-5'-MONOPHOSPHATE"  ? 'C9 H14 N3 O8 P'  323.197 
G   'RNA linking' y "GUANOSINE-5'-MONOPHOSPHATE" ? 'C10 H14 N5 O8 P' 363.221 
HOH non-polymer   . WATER                        ? 'H2 O'            18.015  
U   'RNA linking' y "URIDINE-5'-MONOPHOSPHATE"   ? 'C9 H13 N2 O9 P'  324.181 
# 
loop_
_pdbx_poly_seq_scheme.asym_id 
_pdbx_poly_seq_scheme.entity_id 
_pdbx_poly_seq_scheme.seq_id 
_pdbx_poly_seq_scheme.mon_id 
_pdbx_poly_seq_scheme.ndb_seq_num 
_pdbx_poly_seq_scheme.pdb_seq_num 
_pdbx_poly_seq_scheme.auth_seq_num 
_pdbx_poly_seq_scheme.pdb_mon_id 
_pdbx_poly_seq_scheme.auth_mon_id 
_pdbx_poly_seq_scheme.pdb_strand_id 
_pdbx_poly_seq_scheme.pdb_ins_code 
_pdbx_poly_seq_scheme.hetero 
A 1 1  A 1  43 43 A A A . n 
A 1 2  A 2  44 44 A A A . n 
A 1 3  C 3  45 45 C C A . n 
A 1 4  G 4  46 46 G G A . n 
A 1 5  G 5  47 47 G G A . n 
A 1 6  G 6  48 48 G G A . n 
A 1 7  C 7  49 49 C C A . n 
A 1 8  G 8  50 50 G G A . n 
A 1 9  C 9  51 51 C C A . n 
A 1 10 A 10 52 52 A A A . n 
A 1 11 G 11 53 53 G G A . n 
A 1 12 A 12 54 54 A A A . n 
A 1 13 A 13 55 55 A A A . n 
B 2 1  U 1  64 64 U U B . n 
B 2 2  C 2  65 65 C C B . n 
B 2 3  U 3  66 66 U U B . n 
B 2 4  G 4  67 67 G G B . n 
B 2 5  A 5  68 68 A A B . n 
B 2 6  C 6  69 69 C C B . n 
B 2 7  G 7  70 70 G G B . n 
B 2 8  G 8  71 71 G G B . n 
B 2 9  U 9  72 72 U U B . n 
B 2 10 A 10 73 73 A A B . n 
B 2 11 C 11 74 74 C C B . n 
B 2 12 G 12 75 75 G G B . n 
B 2 13 U 13 76 76 U U B . n 
B 2 14 U 14 77 77 U U B . n 
B 2 15 U 15 78 78 U U B . n 
# 
loop_
_pdbx_nonpoly_scheme.asym_id 
_pdbx_nonpoly_scheme.entity_id 
_pdbx_nonpoly_scheme.mon_id 
_pdbx_nonpoly_scheme.ndb_seq_num 
_pdbx_nonpoly_scheme.pdb_seq_num 
_pdbx_nonpoly_scheme.auth_seq_num 
_pdbx_nonpoly_scheme.pdb_mon_id 
_pdbx_nonpoly_scheme.auth_mon_id 
_pdbx_nonpoly_scheme.pdb_strand_id 
_pdbx_nonpoly_scheme.pdb_ins_code 
C 3 HOH 1  85  85  HOH HOH A . 
C 3 HOH 2  87  87  HOH HOH A . 
C 3 HOH 3  90  90  HOH HOH A . 
C 3 HOH 4  93  93  HOH HOH A . 
C 3 HOH 5  95  95  HOH HOH A . 
C 3 HOH 6  96  96  HOH HOH A . 
C 3 HOH 7  97  97  HOH HOH A . 
C 3 HOH 8  99  99  HOH HOH A . 
C 3 HOH 9  102 102 HOH HOH A . 
C 3 HOH 10 107 107 HOH HOH A . 
C 3 HOH 11 108 108 HOH HOH A . 
C 3 HOH 12 110 110 HOH HOH A . 
C 3 HOH 13 113 113 HOH HOH A . 
C 3 HOH 14 116 116 HOH HOH A . 
C 3 HOH 15 118 118 HOH HOH A . 
C 3 HOH 16 119 119 HOH HOH A . 
C 3 HOH 17 121 121 HOH HOH A . 
C 3 HOH 18 126 126 HOH HOH A . 
C 3 HOH 19 131 131 HOH HOH A . 
C 3 HOH 20 134 134 HOH HOH A . 
C 3 HOH 21 141 141 HOH HOH A . 
C 3 HOH 22 142 142 HOH HOH A . 
C 3 HOH 23 144 144 HOH HOH A . 
C 3 HOH 24 145 145 HOH HOH A . 
C 3 HOH 25 146 146 HOH HOH A . 
C 3 HOH 26 149 149 HOH HOH A . 
C 3 HOH 27 150 150 HOH HOH A . 
C 3 HOH 28 151 151 HOH HOH A . 
C 3 HOH 29 154 154 HOH HOH A . 
C 3 HOH 30 157 157 HOH HOH A . 
C 3 HOH 31 204 204 HOH HOH A . 
C 3 HOH 32 205 205 HOH HOH A . 
C 3 HOH 33 206 206 HOH HOH A . 
C 3 HOH 34 207 207 HOH HOH A . 
C 3 HOH 35 208 208 HOH HOH A . 
C 3 HOH 36 209 209 HOH HOH A . 
C 3 HOH 37 210 210 HOH HOH A . 
C 3 HOH 38 212 212 HOH HOH A . 
C 3 HOH 39 213 213 HOH HOH A . 
C 3 HOH 40 214 214 HOH HOH A . 
C 3 HOH 41 215 215 HOH HOH A . 
C 3 HOH 42 216 216 HOH HOH A . 
C 3 HOH 43 218 218 HOH HOH A . 
C 3 HOH 44 220 220 HOH HOH A . 
C 3 HOH 45 221 221 HOH HOH A . 
C 3 HOH 46 229 229 HOH HOH A . 
C 3 HOH 47 239 239 HOH HOH A . 
C 3 HOH 48 249 249 HOH HOH A . 
C 3 HOH 49 250 250 HOH HOH A . 
C 3 HOH 50 254 254 HOH HOH A . 
C 3 HOH 51 259 259 HOH HOH A . 
C 3 HOH 52 260 260 HOH HOH A . 
C 3 HOH 53 262 262 HOH HOH A . 
C 3 HOH 54 263 263 HOH HOH A . 
C 3 HOH 55 264 264 HOH HOH A . 
C 3 HOH 56 267 267 HOH HOH A . 
C 3 HOH 57 270 270 HOH HOH A . 
C 3 HOH 58 271 271 HOH HOH A . 
C 3 HOH 59 272 272 HOH HOH A . 
C 3 HOH 60 274 274 HOH HOH A . 
C 3 HOH 61 275 275 HOH HOH A . 
D 3 HOH 1  79  79  HOH HOH B . 
D 3 HOH 2  80  80  HOH HOH B . 
D 3 HOH 3  81  81  HOH HOH B . 
D 3 HOH 4  82  82  HOH HOH B . 
D 3 HOH 5  83  83  HOH HOH B . 
D 3 HOH 6  84  84  HOH HOH B . 
D 3 HOH 7  86  86  HOH HOH B . 
D 3 HOH 8  88  88  HOH HOH B . 
D 3 HOH 9  89  89  HOH HOH B . 
D 3 HOH 10 91  91  HOH HOH B . 
D 3 HOH 11 92  92  HOH HOH B . 
D 3 HOH 12 94  94  HOH HOH B . 
D 3 HOH 13 98  98  HOH HOH B . 
D 3 HOH 14 100 100 HOH HOH B . 
D 3 HOH 15 101 101 HOH HOH B . 
D 3 HOH 16 103 103 HOH HOH B . 
D 3 HOH 17 104 104 HOH HOH B . 
D 3 HOH 18 105 105 HOH HOH B . 
D 3 HOH 19 106 106 HOH HOH B . 
D 3 HOH 20 109 109 HOH HOH B . 
D 3 HOH 21 111 111 HOH HOH B . 
D 3 HOH 22 112 112 HOH HOH B . 
D 3 HOH 23 114 114 HOH HOH B . 
D 3 HOH 24 115 115 HOH HOH B . 
D 3 HOH 25 120 120 HOH HOH B . 
D 3 HOH 26 122 122 HOH HOH B . 
D 3 HOH 27 123 123 HOH HOH B . 
D 3 HOH 28 128 128 HOH HOH B . 
D 3 HOH 29 129 129 HOH HOH B . 
D 3 HOH 30 130 130 HOH HOH B . 
D 3 HOH 31 133 133 HOH HOH B . 
D 3 HOH 32 136 136 HOH HOH B . 
D 3 HOH 33 137 137 HOH HOH B . 
D 3 HOH 34 139 139 HOH HOH B . 
D 3 HOH 35 140 140 HOH HOH B . 
D 3 HOH 36 147 147 HOH HOH B . 
D 3 HOH 37 148 148 HOH HOH B . 
D 3 HOH 38 152 152 HOH HOH B . 
D 3 HOH 39 153 153 HOH HOH B . 
D 3 HOH 40 156 156 HOH HOH B . 
D 3 HOH 41 158 158 HOH HOH B . 
D 3 HOH 42 159 159 HOH HOH B . 
D 3 HOH 43 201 201 HOH HOH B . 
D 3 HOH 44 203 203 HOH HOH B . 
D 3 HOH 45 211 211 HOH HOH B . 
D 3 HOH 46 222 222 HOH HOH B . 
D 3 HOH 47 223 223 HOH HOH B . 
D 3 HOH 48 224 224 HOH HOH B . 
D 3 HOH 49 225 225 HOH HOH B . 
D 3 HOH 50 226 226 HOH HOH B . 
D 3 HOH 51 227 227 HOH HOH B . 
D 3 HOH 52 228 228 HOH HOH B . 
D 3 HOH 53 230 230 HOH HOH B . 
D 3 HOH 54 231 231 HOH HOH B . 
D 3 HOH 55 232 232 HOH HOH B . 
D 3 HOH 56 233 233 HOH HOH B . 
D 3 HOH 57 234 234 HOH HOH B . 
D 3 HOH 58 235 235 HOH HOH B . 
D 3 HOH 59 236 236 HOH HOH B . 
D 3 HOH 60 237 237 HOH HOH B . 
D 3 HOH 61 238 238 HOH HOH B . 
D 3 HOH 62 240 240 HOH HOH B . 
D 3 HOH 63 241 241 HOH HOH B . 
D 3 HOH 64 242 242 HOH HOH B . 
D 3 HOH 65 243 243 HOH HOH B . 
D 3 HOH 66 244 244 HOH HOH B . 
D 3 HOH 67 245 245 HOH HOH B . 
D 3 HOH 68 246 246 HOH HOH B . 
D 3 HOH 69 247 247 HOH HOH B . 
D 3 HOH 70 248 248 HOH HOH B . 
D 3 HOH 71 251 251 HOH HOH B . 
D 3 HOH 72 252 252 HOH HOH B . 
D 3 HOH 73 253 253 HOH HOH B . 
D 3 HOH 74 255 255 HOH HOH B . 
D 3 HOH 75 256 256 HOH HOH B . 
D 3 HOH 76 257 257 HOH HOH B . 
D 3 HOH 77 258 258 HOH HOH B . 
D 3 HOH 78 261 261 HOH HOH B . 
D 3 HOH 79 265 265 HOH HOH B . 
D 3 HOH 80 266 266 HOH HOH B . 
D 3 HOH 81 268 268 HOH HOH B . 
D 3 HOH 82 269 269 HOH HOH B . 
D 3 HOH 83 273 273 HOH HOH B . 
# 
loop_
_software.name 
_software.classification 
_software.version 
_software.citation_id 
_software.pdbx_ordinal 
AMoRE     phasing          . ? 1 
CNS       refinement       . ? 2 
DENZO     'data reduction' . ? 3 
SCALEPACK 'data scaling'   . ? 4 
# 
_cell.entry_id           1CSL 
_cell.length_a           74.5 
_cell.length_b           24.3 
_cell.length_c           46.1 
_cell.angle_alpha        90 
_cell.angle_beta         116.7 
_cell.angle_gamma        90 
_cell.Z_PDB              4 
_cell.pdbx_unique_axis   ? 
_cell.length_a_esd       ? 
_cell.length_b_esd       ? 
_cell.length_c_esd       ? 
_cell.angle_alpha_esd    ? 
_cell.angle_beta_esd     ? 
_cell.angle_gamma_esd    ? 
# 
_symmetry.entry_id                         1CSL 
_symmetry.space_group_name_H-M             'C 1 2 1' 
_symmetry.pdbx_full_space_group_name_H-M   ? 
_symmetry.cell_setting                     monoclinic 
_symmetry.Int_Tables_number                5 
_symmetry.space_group_name_Hall            ? 
# 
_exptl.entry_id          1CSL 
_exptl.method            'X-RAY DIFFRACTION' 
_exptl.crystals_number   1 
# 
_exptl_crystal.id                    1 
_exptl_crystal.density_meas          ? 
_exptl_crystal.density_percent_sol   40.68 
_exptl_crystal.density_Matthews      2.07 
_exptl_crystal.description           ? 
_exptl_crystal.F_000                 ? 
_exptl_crystal.preparation           ? 
# 
_exptl_crystal_grow.crystal_id      1 
_exptl_crystal_grow.method          'VAPOR DIFFUSION, HANGING DROP' 
_exptl_crystal_grow.temp            293 
_exptl_crystal_grow.temp_details    ? 
_exptl_crystal_grow.pH              6.0 
_exptl_crystal_grow.pdbx_details    
'LITHIUM SULFATE, MAGNESIUM SULFATE, SODIUM CACODYLATE, pH 6.0, VAPOR DIFFUSION, HANGING DROP, temperature 293K' 
_exptl_crystal_grow.pdbx_pH_range   ? 
# 
loop_
_exptl_crystal_grow_comp.crystal_id 
_exptl_crystal_grow_comp.id 
_exptl_crystal_grow_comp.sol_id 
_exptl_crystal_grow_comp.name 
_exptl_crystal_grow_comp.volume 
_exptl_crystal_grow_comp.conc 
_exptl_crystal_grow_comp.details 
1 1 1 LI2SO4              ? ? ? 
1 2 1 MGSO4               ? ? ? 
1 3 1 'SODIUM CACODYLATE' ? ? ? 
# 
_diffrn.id                     1 
_diffrn.ambient_temp           100 
_diffrn.ambient_temp_details   ? 
_diffrn.crystal_id             1 
# 
_diffrn_detector.diffrn_id              1 
_diffrn_detector.detector               CCD 
_diffrn_detector.type                   'ADSC QUANTUM 4' 
_diffrn_detector.pdbx_collection_date   1998-05-09 
_diffrn_detector.details                ? 
# 
_diffrn_radiation.diffrn_id                        1 
_diffrn_radiation.wavelength_id                    1 
_diffrn_radiation.pdbx_monochromatic_or_laue_m_l   M 
_diffrn_radiation.monochromator                    ? 
_diffrn_radiation.pdbx_diffrn_protocol             'SINGLE WAVELENGTH' 
_diffrn_radiation.pdbx_scattering_type             x-ray 
# 
_diffrn_radiation_wavelength.id           1 
_diffrn_radiation_wavelength.wavelength   0.918 
_diffrn_radiation_wavelength.wt           1.0 
# 
_diffrn_source.diffrn_id                   1 
_diffrn_source.source                      SYNCHROTRON 
_diffrn_source.type                        'CHESS BEAMLINE F1' 
_diffrn_source.pdbx_synchrotron_site       CHESS 
_diffrn_source.pdbx_synchrotron_beamline   F1 
_diffrn_source.pdbx_wavelength             0.918 
_diffrn_source.pdbx_wavelength_list        ? 
# 
_reflns.entry_id                     1CSL 
_reflns.observed_criterion_sigma_I   -3.0 
_reflns.observed_criterion_sigma_F   ? 
_reflns.d_resolution_low             20.0 
_reflns.d_resolution_high            1.6 
_reflns.number_obs                   9651 
_reflns.number_all                   9651 
_reflns.percent_possible_obs         96.4 
_reflns.pdbx_Rmerge_I_obs            0.0840000 
_reflns.pdbx_Rsym_value              ? 
_reflns.pdbx_netI_over_sigmaI        17.6 
_reflns.B_iso_Wilson_estimate        ? 
_reflns.pdbx_redundancy              3.1 
_reflns.R_free_details               ? 
_reflns.pdbx_chi_squared             ? 
_reflns.pdbx_scaling_rejects         ? 
_reflns.pdbx_ordinal                 1 
_reflns.pdbx_diffrn_id               1 
# 
_reflns_shell.d_res_high             1.60 
_reflns_shell.d_res_low              1.66 
_reflns_shell.percent_possible_all   81.0 
_reflns_shell.Rmerge_I_obs           0.2770000 
_reflns_shell.pdbx_Rsym_value        ? 
_reflns_shell.meanI_over_sigI_obs    3.4 
_reflns_shell.pdbx_redundancy        1.8 
_reflns_shell.percent_possible_obs   ? 
_reflns_shell.number_unique_all      ? 
_reflns_shell.number_measured_all    ? 
_reflns_shell.number_measured_obs    ? 
_reflns_shell.number_unique_obs      ? 
_reflns_shell.pdbx_chi_squared       ? 
_reflns_shell.pdbx_ordinal           1 
_reflns_shell.pdbx_diffrn_id         1 
# 
_refine.entry_id                                 1CSL 
_refine.ls_number_reflns_obs                     9640 
_refine.ls_number_reflns_all                     9640 
_refine.pdbx_ls_sigma_I                          ? 
_refine.pdbx_ls_sigma_F                          0.0 
_refine.pdbx_data_cutoff_high_absF               ? 
_refine.pdbx_data_cutoff_low_absF                ? 
_refine.pdbx_data_cutoff_high_rms_absF           17752510.83 
_refine.ls_d_res_low                             15.0 
_refine.ls_d_res_high                            1.60 
_refine.ls_percent_reflns_obs                    96.3 
_refine.ls_R_factor_obs                          0.2110000 
_refine.ls_R_factor_all                          ? 
_refine.ls_R_factor_R_work                       0.2110000 
_refine.ls_R_factor_R_free                       0.2410000 
_refine.ls_R_factor_R_free_error                 0.008 
_refine.ls_R_factor_R_free_error_details         ? 
_refine.ls_percent_reflns_R_free                 10 
_refine.ls_number_reflns_R_free                  993 
_refine.ls_number_parameters                     ? 
_refine.ls_number_restraints                     ? 
_refine.occupancy_min                            ? 
_refine.occupancy_max                            ? 
_refine.B_iso_mean                               17.8 
_refine.aniso_B[1][1]                            -1.59 
_refine.aniso_B[2][2]                            0.35 
_refine.aniso_B[3][3]                            1.24 
_refine.aniso_B[1][2]                            0.00 
_refine.aniso_B[1][3]                            -0.83 
_refine.aniso_B[2][3]                            0.00 
_refine.solvent_model_details                    'FLAT MODEL' 
_refine.solvent_model_param_ksol                 0.411304 
_refine.solvent_model_param_bsol                 40.4733 
_refine.pdbx_ls_cross_valid_method               THROUGHOUT 
_refine.details                                  ? 
_refine.pdbx_starting_model                      ? 
_refine.pdbx_method_to_determine_struct          'MOLECULAR REPLACEMENT' 
_refine.pdbx_isotropic_thermal_model             ? 
_refine.pdbx_stereochemistry_target_values       'PARKINSON ET AL., ACTA CRYST. D, 52 (1996) 57-64' 
_refine.pdbx_stereochem_target_val_spec_case     ? 
_refine.pdbx_R_Free_selection_details            RANDOM 
_refine.pdbx_overall_ESU_R                       ? 
_refine.pdbx_overall_ESU_R_Free                  ? 
_refine.overall_SU_ML                            ? 
_refine.overall_SU_B                             ? 
_refine.pdbx_refine_id                           'X-RAY DIFFRACTION' 
_refine.ls_redundancy_reflns_obs                 ? 
_refine.pdbx_overall_phase_error                 ? 
_refine.correlation_coeff_Fo_to_Fc               ? 
_refine.correlation_coeff_Fo_to_Fc_free          ? 
_refine.pdbx_solvent_vdw_probe_radii             ? 
_refine.pdbx_solvent_ion_probe_radii             ? 
_refine.pdbx_solvent_shrinkage_radii             ? 
_refine.overall_SU_R_Cruickshank_DPI             ? 
_refine.overall_SU_R_free                        ? 
_refine.ls_wR_factor_R_free                      ? 
_refine.ls_wR_factor_R_work                      ? 
_refine.overall_FOM_free_R_set                   ? 
_refine.overall_FOM_work_R_set                   ? 
_refine.pdbx_diffrn_id                           1 
_refine.pdbx_TLS_residual_ADP_flag               ? 
_refine.pdbx_overall_SU_R_free_Cruickshank_DPI   ? 
_refine.pdbx_overall_SU_R_Blow_DPI               ? 
_refine.pdbx_overall_SU_R_free_Blow_DPI          ? 
# 
_refine_analyze.entry_id                        1CSL 
_refine_analyze.Luzzati_coordinate_error_obs    0.21 
_refine_analyze.Luzzati_sigma_a_obs             0.18 
_refine_analyze.Luzzati_d_res_low_obs           15.0 
_refine_analyze.Luzzati_coordinate_error_free   0.24 
_refine_analyze.Luzzati_sigma_a_free            0.18 
_refine_analyze.Luzzati_d_res_low_free          ? 
_refine_analyze.number_disordered_residues      ? 
_refine_analyze.occupancy_sum_hydrogen          ? 
_refine_analyze.occupancy_sum_non_hydrogen      ? 
_refine_analyze.pdbx_refine_id                  'X-RAY DIFFRACTION' 
# 
_refine_hist.pdbx_refine_id                   'X-RAY DIFFRACTION' 
_refine_hist.cycle_id                         LAST 
_refine_hist.pdbx_number_atoms_protein        0 
_refine_hist.pdbx_number_atoms_nucleic_acid   595 
_refine_hist.pdbx_number_atoms_ligand         0 
_refine_hist.number_atoms_solvent             144 
_refine_hist.number_atoms_total               739 
_refine_hist.d_res_high                       1.60 
_refine_hist.d_res_low                        15.0 
# 
loop_
_refine_ls_restr.type 
_refine_ls_restr.dev_ideal 
_refine_ls_restr.dev_ideal_target 
_refine_ls_restr.weight 
_refine_ls_restr.number 
_refine_ls_restr.pdbx_refine_id 
_refine_ls_restr.pdbx_restraint_function 
c_bond_d                0.004 ?    ? ? 'X-RAY DIFFRACTION' ? 
c_bond_d_na             ?     ?    ? ? 'X-RAY DIFFRACTION' ? 
c_bond_d_prot           ?     ?    ? ? 'X-RAY DIFFRACTION' ? 
c_angle_d               ?     ?    ? ? 'X-RAY DIFFRACTION' ? 
c_angle_d_na            ?     ?    ? ? 'X-RAY DIFFRACTION' ? 
c_angle_d_prot          ?     ?    ? ? 'X-RAY DIFFRACTION' ? 
c_angle_deg             1.1   ?    ? ? 'X-RAY DIFFRACTION' ? 
c_angle_deg_na          ?     ?    ? ? 'X-RAY DIFFRACTION' ? 
c_angle_deg_prot        ?     ?    ? ? 'X-RAY DIFFRACTION' ? 
c_dihedral_angle_d      29.2  ?    ? ? 'X-RAY DIFFRACTION' ? 
c_dihedral_angle_d_na   ?     ?    ? ? 'X-RAY DIFFRACTION' ? 
c_dihedral_angle_d_prot ?     ?    ? ? 'X-RAY DIFFRACTION' ? 
c_improper_angle_d      2.99  ?    ? ? 'X-RAY DIFFRACTION' ? 
c_improper_angle_d_na   ?     ?    ? ? 'X-RAY DIFFRACTION' ? 
c_improper_angle_d_prot ?     ?    ? ? 'X-RAY DIFFRACTION' ? 
c_mcbond_it             0.15  1.50 ? ? 'X-RAY DIFFRACTION' ? 
c_mcangle_it            0.26  2.00 ? ? 'X-RAY DIFFRACTION' ? 
c_scbond_it             0.08  2.00 ? ? 'X-RAY DIFFRACTION' ? 
c_scangle_it            0.14  2.50 ? ? 'X-RAY DIFFRACTION' ? 
# 
_refine_ls_shell.pdbx_total_number_of_bins_used   10 
_refine_ls_shell.d_res_high                       1.60 
_refine_ls_shell.d_res_low                        1.66 
_refine_ls_shell.number_reflns_R_work             723 
_refine_ls_shell.R_factor_R_work                  0.2950000 
_refine_ls_shell.percent_reflns_obs               81.2 
_refine_ls_shell.R_factor_R_free                  0.2720000 
_refine_ls_shell.R_factor_R_free_error            0.033 
_refine_ls_shell.percent_reflns_R_free            8.7 
_refine_ls_shell.number_reflns_R_free             69 
_refine_ls_shell.pdbx_refine_id                   'X-RAY DIFFRACTION' 
_refine_ls_shell.redundancy_reflns_obs            ? 
_refine_ls_shell.number_reflns_all                ? 
_refine_ls_shell.number_reflns_obs                ? 
_refine_ls_shell.R_factor_all                     ? 
# 
_pdbx_xplor_file.serial_no        1 
_pdbx_xplor_file.param_file       DNA-RNA-MULTI-ENDO.PARAM 
_pdbx_xplor_file.topol_file       DNA-RNA-MULTI-ENDO.TOP 
_pdbx_xplor_file.pdbx_refine_id   'X-RAY DIFFRACTION' 
# 
_struct.entry_id                  1CSL 
_struct.title                     'CRYSTAL STRUCTURE OF THE RRE HIGH AFFINITY SITE' 
_struct.pdbx_model_details        ? 
_struct.pdbx_CASP_flag            ? 
_struct.pdbx_model_type_details   ? 
# 
_struct_keywords.entry_id        1CSL 
_struct_keywords.pdbx_keywords   RNA 
_struct_keywords.text            'RRE HIGH AFFINITY SITE, HIV-1, RNA' 
# 
loop_
_struct_asym.id 
_struct_asym.pdbx_blank_PDB_chainid_flag 
_struct_asym.pdbx_modified 
_struct_asym.entity_id 
_struct_asym.details 
A N N 1 ? 
B N N 2 ? 
C N N 3 ? 
D N N 3 ? 
# 
loop_
_struct_ref.id 
_struct_ref.entity_id 
_struct_ref.db_name 
_struct_ref.db_code 
_struct_ref.pdbx_db_accession 
_struct_ref.pdbx_align_begin 
_struct_ref.pdbx_seq_one_letter_code 
_struct_ref.pdbx_db_isoform 
1 1 PDB 1CSL 1CSL ? ? ? 
2 2 PDB 1CSL 1CSL ? ? ? 
# 
loop_
_struct_ref_seq.align_id 
_struct_ref_seq.ref_id 
_struct_ref_seq.pdbx_PDB_id_code 
_struct_ref_seq.pdbx_strand_id 
_struct_ref_seq.seq_align_beg 
_struct_ref_seq.pdbx_seq_align_beg_ins_code 
_struct_ref_seq.seq_align_end 
_struct_ref_seq.pdbx_seq_align_end_ins_code 
_struct_ref_seq.pdbx_db_accession 
_struct_ref_seq.db_align_beg 
_struct_ref_seq.pdbx_db_align_beg_ins_code 
_struct_ref_seq.db_align_end 
_struct_ref_seq.pdbx_db_align_end_ins_code 
_struct_ref_seq.pdbx_auth_seq_align_beg 
_struct_ref_seq.pdbx_auth_seq_align_end 
1 1 1CSL A 1 ? 13 ? 1CSL 43 ? 55 ? 43 55 
2 2 1CSL B 1 ? 15 ? 1CSL 64 ? 78 ? 64 78 
# 
_pdbx_struct_assembly.id                   1 
_pdbx_struct_assembly.details              author_defined_assembly 
_pdbx_struct_assembly.method_details       ? 
_pdbx_struct_assembly.oligomeric_details   dimeric 
_pdbx_struct_assembly.oligomeric_count     2 
# 
_pdbx_struct_assembly_gen.assembly_id       1 
_pdbx_struct_assembly_gen.oper_expression   1 
_pdbx_struct_assembly_gen.asym_id_list      A,B,C,D 
# 
_pdbx_struct_oper_list.id                   1 
_pdbx_struct_oper_list.type                 'identity operation' 
_pdbx_struct_oper_list.name                 1_555 
_pdbx_struct_oper_list.symmetry_operation   x,y,z 
_pdbx_struct_oper_list.matrix[1][1]         1.0000000000 
_pdbx_struct_oper_list.matrix[1][2]         0.0000000000 
_pdbx_struct_oper_list.matrix[1][3]         0.0000000000 
_pdbx_struct_oper_list.vector[1]            0.0000000000 
_pdbx_struct_oper_list.matrix[2][1]         0.0000000000 
_pdbx_struct_oper_list.matrix[2][2]         1.0000000000 
_pdbx_struct_oper_list.matrix[2][3]         0.0000000000 
_pdbx_struct_oper_list.vector[2]            0.0000000000 
_pdbx_struct_oper_list.matrix[3][1]         0.0000000000 
_pdbx_struct_oper_list.matrix[3][2]         0.0000000000 
_pdbx_struct_oper_list.matrix[3][3]         1.0000000000 
_pdbx_struct_oper_list.vector[3]            0.0000000000 
# 
_struct_biol.id        1 
_struct_biol.details   ? 
# 
loop_
_struct_conn.id 
_struct_conn.conn_type_id 
_struct_conn.pdbx_leaving_atom_flag 
_struct_conn.pdbx_PDB_id 
_struct_conn.ptnr1_label_asym_id 
_struct_conn.ptnr1_label_comp_id 
_struct_conn.ptnr1_label_seq_id 
_struct_conn.ptnr1_label_atom_id 
_struct_conn.pdbx_ptnr1_label_alt_id 
_struct_conn.pdbx_ptnr1_PDB_ins_code 
_struct_conn.pdbx_ptnr1_standard_comp_id 
_struct_conn.ptnr1_symmetry 
_struct_conn.ptnr2_label_asym_id 
_struct_conn.ptnr2_label_comp_id 
_struct_conn.ptnr2_label_seq_id 
_struct_conn.ptnr2_label_atom_id 
_struct_conn.pdbx_ptnr2_label_alt_id 
_struct_conn.pdbx_ptnr2_PDB_ins_code 
_struct_conn.ptnr1_auth_asym_id 
_struct_conn.ptnr1_auth_comp_id 
_struct_conn.ptnr1_auth_seq_id 
_struct_conn.ptnr2_auth_asym_id 
_struct_conn.ptnr2_auth_comp_id 
_struct_conn.ptnr2_auth_seq_id 
_struct_conn.ptnr2_symmetry 
_struct_conn.pdbx_ptnr3_label_atom_id 
_struct_conn.pdbx_ptnr3_label_seq_id 
_struct_conn.pdbx_ptnr3_label_comp_id 
_struct_conn.pdbx_ptnr3_label_asym_id 
_struct_conn.pdbx_ptnr3_label_alt_id 
_struct_conn.pdbx_ptnr3_PDB_ins_code 
_struct_conn.details 
_struct_conn.pdbx_dist_value 
_struct_conn.pdbx_value_order 
_struct_conn.pdbx_role 
hydrog1  hydrog ? ? A A 1  N6 ? ? ? 1_555 B U 14 O2 ? ? A A 43 B U 77 1_555 ? ? ? ? ? ? 'A-U PAIR'   ? ? ? 
hydrog2  hydrog ? ? A A 2  N1 ? ? ? 1_555 B U 13 N3 ? ? A A 44 B U 76 1_555 ? ? ? ? ? ? WATSON-CRICK ? ? ? 
hydrog3  hydrog ? ? A A 2  N6 ? ? ? 1_555 B U 13 O4 ? ? A A 44 B U 76 1_555 ? ? ? ? ? ? WATSON-CRICK ? ? ? 
hydrog4  hydrog ? ? A C 3  N3 ? ? ? 1_555 B G 12 N1 ? ? A C 45 B G 75 1_555 ? ? ? ? ? ? WATSON-CRICK ? ? ? 
hydrog5  hydrog ? ? A C 3  N4 ? ? ? 1_555 B G 12 O6 ? ? A C 45 B G 75 1_555 ? ? ? ? ? ? WATSON-CRICK ? ? ? 
hydrog6  hydrog ? ? A C 3  O2 ? ? ? 1_555 B G 12 N2 ? ? A C 45 B G 75 1_555 ? ? ? ? ? ? WATSON-CRICK ? ? ? 
hydrog7  hydrog ? ? A G 4  N1 ? ? ? 1_555 B C 11 N3 ? ? A G 46 B C 74 1_555 ? ? ? ? ? ? WATSON-CRICK ? ? ? 
hydrog8  hydrog ? ? A G 4  N2 ? ? ? 1_555 B C 11 O2 ? ? A G 46 B C 74 1_555 ? ? ? ? ? ? WATSON-CRICK ? ? ? 
hydrog9  hydrog ? ? A G 4  O6 ? ? ? 1_555 B C 11 N4 ? ? A G 46 B C 74 1_555 ? ? ? ? ? ? WATSON-CRICK ? ? ? 
hydrog10 hydrog ? ? A G 5  N1 ? ? ? 1_555 B A 10 N1 ? ? A G 47 B A 73 1_555 ? ? ? ? ? ? TYPE_8_PAIR  ? ? ? 
hydrog11 hydrog ? ? A G 5  O6 ? ? ? 1_555 B A 10 N6 ? ? A G 47 B A 73 1_555 ? ? ? ? ? ? TYPE_8_PAIR  ? ? ? 
hydrog12 hydrog ? ? A G 6  N1 ? ? ? 1_555 B G 8  O6 ? ? A G 48 B G 71 1_555 ? ? ? ? ? ? TYPE_6_PAIR  ? ? ? 
hydrog13 hydrog ? ? A G 6  N2 ? ? ? 1_555 B G 8  N7 ? ? A G 48 B G 71 1_555 ? ? ? ? ? ? TYPE_6_PAIR  ? ? ? 
hydrog14 hydrog ? ? A C 7  N3 ? ? ? 1_555 B G 7  N1 ? ? A C 49 B G 70 1_555 ? ? ? ? ? ? WATSON-CRICK ? ? ? 
hydrog15 hydrog ? ? A C 7  N4 ? ? ? 1_555 B G 7  O6 ? ? A C 49 B G 70 1_555 ? ? ? ? ? ? WATSON-CRICK ? ? ? 
hydrog16 hydrog ? ? A C 7  O2 ? ? ? 1_555 B G 7  N2 ? ? A C 49 B G 70 1_555 ? ? ? ? ? ? WATSON-CRICK ? ? ? 
hydrog17 hydrog ? ? A G 8  N1 ? ? ? 1_555 B C 6  N3 ? ? A G 50 B C 69 1_555 ? ? ? ? ? ? WATSON-CRICK ? ? ? 
hydrog18 hydrog ? ? A G 8  N2 ? ? ? 1_555 B C 6  O2 ? ? A G 50 B C 69 1_555 ? ? ? ? ? ? WATSON-CRICK ? ? ? 
hydrog19 hydrog ? ? A G 8  O6 ? ? ? 1_555 B C 6  N4 ? ? A G 50 B C 69 1_555 ? ? ? ? ? ? WATSON-CRICK ? ? ? 
hydrog20 hydrog ? ? A C 9  N3 ? ? ? 1_555 B G 4  N1 ? ? A C 51 B G 67 1_555 ? ? ? ? ? ? WATSON-CRICK ? ? ? 
hydrog21 hydrog ? ? A C 9  N4 ? ? ? 1_555 B G 4  O6 ? ? A C 51 B G 67 1_555 ? ? ? ? ? ? WATSON-CRICK ? ? ? 
hydrog22 hydrog ? ? A C 9  O2 ? ? ? 1_555 B G 4  N2 ? ? A C 51 B G 67 1_555 ? ? ? ? ? ? WATSON-CRICK ? ? ? 
hydrog23 hydrog ? ? A A 10 N1 ? ? ? 1_555 B U 3  N3 ? ? A A 52 B U 66 1_555 ? ? ? ? ? ? WATSON-CRICK ? ? ? 
hydrog24 hydrog ? ? A A 10 N6 ? ? ? 1_555 B U 3  O4 ? ? A A 52 B U 66 1_555 ? ? ? ? ? ? WATSON-CRICK ? ? ? 
hydrog25 hydrog ? ? A G 11 N1 ? ? ? 1_555 B C 2  N3 ? ? A G 53 B C 65 1_555 ? ? ? ? ? ? WATSON-CRICK ? ? ? 
hydrog26 hydrog ? ? A G 11 N2 ? ? ? 1_555 B C 2  O2 ? ? A G 53 B C 65 1_555 ? ? ? ? ? ? WATSON-CRICK ? ? ? 
hydrog27 hydrog ? ? A G 11 O6 ? ? ? 1_555 B C 2  N4 ? ? A G 53 B C 65 1_555 ? ? ? ? ? ? WATSON-CRICK ? ? ? 
hydrog28 hydrog ? ? A A 12 N1 ? ? ? 1_555 B U 1  N3 ? ? A A 54 B U 64 1_555 ? ? ? ? ? ? WATSON-CRICK ? ? ? 
hydrog29 hydrog ? ? A A 12 N6 ? ? ? 1_555 B U 1  O4 ? ? A A 54 B U 64 1_555 ? ? ? ? ? ? WATSON-CRICK ? ? ? 
# 
_struct_conn_type.id          hydrog 
_struct_conn_type.criteria    ? 
_struct_conn_type.reference   ? 
# 
_pdbx_validate_chiral.id              1 
_pdbx_validate_chiral.PDB_model_num   1 
_pdbx_validate_chiral.auth_atom_id    "C2'" 
_pdbx_validate_chiral.label_alt_id    ? 
_pdbx_validate_chiral.auth_asym_id    B 
_pdbx_validate_chiral.auth_comp_id    U 
_pdbx_validate_chiral.auth_seq_id     78 
_pdbx_validate_chiral.PDB_ins_code    ? 
_pdbx_validate_chiral.details         'WRONG HAND' 
_pdbx_validate_chiral.omega           . 
# 
loop_
_chem_comp_atom.comp_id 
_chem_comp_atom.atom_id 
_chem_comp_atom.type_symbol 
_chem_comp_atom.pdbx_aromatic_flag 
_chem_comp_atom.pdbx_stereo_config 
_chem_comp_atom.pdbx_ordinal 
A   OP3    O N N 1   
A   P      P N N 2   
A   OP1    O N N 3   
A   OP2    O N N 4   
A   "O5'"  O N N 5   
A   "C5'"  C N N 6   
A   "C4'"  C N R 7   
A   "O4'"  O N N 8   
A   "C3'"  C N S 9   
A   "O3'"  O N N 10  
A   "C2'"  C N R 11  
A   "O2'"  O N N 12  
A   "C1'"  C N R 13  
A   N9     N Y N 14  
A   C8     C Y N 15  
A   N7     N Y N 16  
A   C5     C Y N 17  
A   C6     C Y N 18  
A   N6     N N N 19  
A   N1     N Y N 20  
A   C2     C Y N 21  
A   N3     N Y N 22  
A   C4     C Y N 23  
A   HOP3   H N N 24  
A   HOP2   H N N 25  
A   "H5'"  H N N 26  
A   "H5''" H N N 27  
A   "H4'"  H N N 28  
A   "H3'"  H N N 29  
A   "HO3'" H N N 30  
A   "H2'"  H N N 31  
A   "HO2'" H N N 32  
A   "H1'"  H N N 33  
A   H8     H N N 34  
A   H61    H N N 35  
A   H62    H N N 36  
A   H2     H N N 37  
C   OP3    O N N 38  
C   P      P N N 39  
C   OP1    O N N 40  
C   OP2    O N N 41  
C   "O5'"  O N N 42  
C   "C5'"  C N N 43  
C   "C4'"  C N R 44  
C   "O4'"  O N N 45  
C   "C3'"  C N S 46  
C   "O3'"  O N N 47  
C   "C2'"  C N R 48  
C   "O2'"  O N N 49  
C   "C1'"  C N R 50  
C   N1     N N N 51  
C   C2     C N N 52  
C   O2     O N N 53  
C   N3     N N N 54  
C   C4     C N N 55  
C   N4     N N N 56  
C   C5     C N N 57  
C   C6     C N N 58  
C   HOP3   H N N 59  
C   HOP2   H N N 60  
C   "H5'"  H N N 61  
C   "H5''" H N N 62  
C   "H4'"  H N N 63  
C   "H3'"  H N N 64  
C   "HO3'" H N N 65  
C   "H2'"  H N N 66  
C   "HO2'" H N N 67  
C   "H1'"  H N N 68  
C   H41    H N N 69  
C   H42    H N N 70  
C   H5     H N N 71  
C   H6     H N N 72  
G   OP3    O N N 73  
G   P      P N N 74  
G   OP1    O N N 75  
G   OP2    O N N 76  
G   "O5'"  O N N 77  
G   "C5'"  C N N 78  
G   "C4'"  C N R 79  
G   "O4'"  O N N 80  
G   "C3'"  C N S 81  
G   "O3'"  O N N 82  
G   "C2'"  C N R 83  
G   "O2'"  O N N 84  
G   "C1'"  C N R 85  
G   N9     N Y N 86  
G   C8     C Y N 87  
G   N7     N Y N 88  
G   C5     C Y N 89  
G   C6     C N N 90  
G   O6     O N N 91  
G   N1     N N N 92  
G   C2     C N N 93  
G   N2     N N N 94  
G   N3     N N N 95  
G   C4     C Y N 96  
G   HOP3   H N N 97  
G   HOP2   H N N 98  
G   "H5'"  H N N 99  
G   "H5''" H N N 100 
G   "H4'"  H N N 101 
G   "H3'"  H N N 102 
G   "HO3'" H N N 103 
G   "H2'"  H N N 104 
G   "HO2'" H N N 105 
G   "H1'"  H N N 106 
G   H8     H N N 107 
G   H1     H N N 108 
G   H21    H N N 109 
G   H22    H N N 110 
HOH O      O N N 111 
HOH H1     H N N 112 
HOH H2     H N N 113 
U   OP3    O N N 114 
U   P      P N N 115 
U   OP1    O N N 116 
U   OP2    O N N 117 
U   "O5'"  O N N 118 
U   "C5'"  C N N 119 
U   "C4'"  C N R 120 
U   "O4'"  O N N 121 
U   "C3'"  C N S 122 
U   "O3'"  O N N 123 
U   "C2'"  C N R 124 
U   "O2'"  O N N 125 
U   "C1'"  C N R 126 
U   N1     N N N 127 
U   C2     C N N 128 
U   O2     O N N 129 
U   N3     N N N 130 
U   C4     C N N 131 
U   O4     O N N 132 
U   C5     C N N 133 
U   C6     C N N 134 
U   HOP3   H N N 135 
U   HOP2   H N N 136 
U   "H5'"  H N N 137 
U   "H5''" H N N 138 
U   "H4'"  H N N 139 
U   "H3'"  H N N 140 
U   "HO3'" H N N 141 
U   "H2'"  H N N 142 
U   "HO2'" H N N 143 
U   "H1'"  H N N 144 
U   H3     H N N 145 
U   H5     H N N 146 
U   H6     H N N 147 
# 
loop_
_chem_comp_bond.comp_id 
_chem_comp_bond.atom_id_1 
_chem_comp_bond.atom_id_2 
_chem_comp_bond.value_order 
_chem_comp_bond.pdbx_aromatic_flag 
_chem_comp_bond.pdbx_stereo_config 
_chem_comp_bond.pdbx_ordinal 
A   OP3   P      sing N N 1   
A   OP3   HOP3   sing N N 2   
A   P     OP1    doub N N 3   
A   P     OP2    sing N N 4   
A   P     "O5'"  sing N N 5   
A   OP2   HOP2   sing N N 6   
A   "O5'" "C5'"  sing N N 7   
A   "C5'" "C4'"  sing N N 8   
A   "C5'" "H5'"  sing N N 9   
A   "C5'" "H5''" sing N N 10  
A   "C4'" "O4'"  sing N N 11  
A   "C4'" "C3'"  sing N N 12  
A   "C4'" "H4'"  sing N N 13  
A   "O4'" "C1'"  sing N N 14  
A   "C3'" "O3'"  sing N N 15  
A   "C3'" "C2'"  sing N N 16  
A   "C3'" "H3'"  sing N N 17  
A   "O3'" "HO3'" sing N N 18  
A   "C2'" "O2'"  sing N N 19  
A   "C2'" "C1'"  sing N N 20  
A   "C2'" "H2'"  sing N N 21  
A   "O2'" "HO2'" sing N N 22  
A   "C1'" N9     sing N N 23  
A   "C1'" "H1'"  sing N N 24  
A   N9    C8     sing Y N 25  
A   N9    C4     sing Y N 26  
A   C8    N7     doub Y N 27  
A   C8    H8     sing N N 28  
A   N7    C5     sing Y N 29  
A   C5    C6     sing Y N 30  
A   C5    C4     doub Y N 31  
A   C6    N6     sing N N 32  
A   C6    N1     doub Y N 33  
A   N6    H61    sing N N 34  
A   N6    H62    sing N N 35  
A   N1    C2     sing Y N 36  
A   C2    N3     doub Y N 37  
A   C2    H2     sing N N 38  
A   N3    C4     sing Y N 39  
C   OP3   P      sing N N 40  
C   OP3   HOP3   sing N N 41  
C   P     OP1    doub N N 42  
C   P     OP2    sing N N 43  
C   P     "O5'"  sing N N 44  
C   OP2   HOP2   sing N N 45  
C   "O5'" "C5'"  sing N N 46  
C   "C5'" "C4'"  sing N N 47  
C   "C5'" "H5'"  sing N N 48  
C   "C5'" "H5''" sing N N 49  
C   "C4'" "O4'"  sing N N 50  
C   "C4'" "C3'"  sing N N 51  
C   "C4'" "H4'"  sing N N 52  
C   "O4'" "C1'"  sing N N 53  
C   "C3'" "O3'"  sing N N 54  
C   "C3'" "C2'"  sing N N 55  
C   "C3'" "H3'"  sing N N 56  
C   "O3'" "HO3'" sing N N 57  
C   "C2'" "O2'"  sing N N 58  
C   "C2'" "C1'"  sing N N 59  
C   "C2'" "H2'"  sing N N 60  
C   "O2'" "HO2'" sing N N 61  
C   "C1'" N1     sing N N 62  
C   "C1'" "H1'"  sing N N 63  
C   N1    C2     sing N N 64  
C   N1    C6     sing N N 65  
C   C2    O2     doub N N 66  
C   C2    N3     sing N N 67  
C   N3    C4     doub N N 68  
C   C4    N4     sing N N 69  
C   C4    C5     sing N N 70  
C   N4    H41    sing N N 71  
C   N4    H42    sing N N 72  
C   C5    C6     doub N N 73  
C   C5    H5     sing N N 74  
C   C6    H6     sing N N 75  
G   OP3   P      sing N N 76  
G   OP3   HOP3   sing N N 77  
G   P     OP1    doub N N 78  
G   P     OP2    sing N N 79  
G   P     "O5'"  sing N N 80  
G   OP2   HOP2   sing N N 81  
G   "O5'" "C5'"  sing N N 82  
G   "C5'" "C4'"  sing N N 83  
G   "C5'" "H5'"  sing N N 84  
G   "C5'" "H5''" sing N N 85  
G   "C4'" "O4'"  sing N N 86  
G   "C4'" "C3'"  sing N N 87  
G   "C4'" "H4'"  sing N N 88  
G   "O4'" "C1'"  sing N N 89  
G   "C3'" "O3'"  sing N N 90  
G   "C3'" "C2'"  sing N N 91  
G   "C3'" "H3'"  sing N N 92  
G   "O3'" "HO3'" sing N N 93  
G   "C2'" "O2'"  sing N N 94  
G   "C2'" "C1'"  sing N N 95  
G   "C2'" "H2'"  sing N N 96  
G   "O2'" "HO2'" sing N N 97  
G   "C1'" N9     sing N N 98  
G   "C1'" "H1'"  sing N N 99  
G   N9    C8     sing Y N 100 
G   N9    C4     sing Y N 101 
G   C8    N7     doub Y N 102 
G   C8    H8     sing N N 103 
G   N7    C5     sing Y N 104 
G   C5    C6     sing N N 105 
G   C5    C4     doub Y N 106 
G   C6    O6     doub N N 107 
G   C6    N1     sing N N 108 
G   N1    C2     sing N N 109 
G   N1    H1     sing N N 110 
G   C2    N2     sing N N 111 
G   C2    N3     doub N N 112 
G   N2    H21    sing N N 113 
G   N2    H22    sing N N 114 
G   N3    C4     sing N N 115 
HOH O     H1     sing N N 116 
HOH O     H2     sing N N 117 
U   OP3   P      sing N N 118 
U   OP3   HOP3   sing N N 119 
U   P     OP1    doub N N 120 
U   P     OP2    sing N N 121 
U   P     "O5'"  sing N N 122 
U   OP2   HOP2   sing N N 123 
U   "O5'" "C5'"  sing N N 124 
U   "C5'" "C4'"  sing N N 125 
U   "C5'" "H5'"  sing N N 126 
U   "C5'" "H5''" sing N N 127 
U   "C4'" "O4'"  sing N N 128 
U   "C4'" "C3'"  sing N N 129 
U   "C4'" "H4'"  sing N N 130 
U   "O4'" "C1'"  sing N N 131 
U   "C3'" "O3'"  sing N N 132 
U   "C3'" "C2'"  sing N N 133 
U   "C3'" "H3'"  sing N N 134 
U   "O3'" "HO3'" sing N N 135 
U   "C2'" "O2'"  sing N N 136 
U   "C2'" "C1'"  sing N N 137 
U   "C2'" "H2'"  sing N N 138 
U   "O2'" "HO2'" sing N N 139 
U   "C1'" N1     sing N N 140 
U   "C1'" "H1'"  sing N N 141 
U   N1    C2     sing N N 142 
U   N1    C6     sing N N 143 
U   C2    O2     doub N N 144 
U   C2    N3     sing N N 145 
U   N3    C4     sing N N 146 
U   N3    H3     sing N N 147 
U   C4    O4     doub N N 148 
U   C4    C5     sing N N 149 
U   C5    C6     doub N N 150 
U   C5    H5     sing N N 151 
U   C6    H6     sing N N 152 
# 
loop_
_ndb_struct_conf_na.entry_id 
_ndb_struct_conf_na.feature 
1CSL 'double helix'         
1CSL 'a-form double helix'  
1CSL 'bulge loop'           
1CSL 'mismatched base pair' 
# 
loop_
_ndb_struct_na_base_pair.model_number 
_ndb_struct_na_base_pair.i_label_asym_id 
_ndb_struct_na_base_pair.i_label_comp_id 
_ndb_struct_na_base_pair.i_label_seq_id 
_ndb_struct_na_base_pair.i_symmetry 
_ndb_struct_na_base_pair.j_label_asym_id 
_ndb_struct_na_base_pair.j_label_comp_id 
_ndb_struct_na_base_pair.j_label_seq_id 
_ndb_struct_na_base_pair.j_symmetry 
_ndb_struct_na_base_pair.shear 
_ndb_struct_na_base_pair.stretch 
_ndb_struct_na_base_pair.stagger 
_ndb_struct_na_base_pair.buckle 
_ndb_struct_na_base_pair.propeller 
_ndb_struct_na_base_pair.opening 
_ndb_struct_na_base_pair.pair_number 
_ndb_struct_na_base_pair.pair_name 
_ndb_struct_na_base_pair.i_auth_asym_id 
_ndb_struct_na_base_pair.i_auth_seq_id 
_ndb_struct_na_base_pair.i_PDB_ins_code 
_ndb_struct_na_base_pair.j_auth_asym_id 
_ndb_struct_na_base_pair.j_auth_seq_id 
_ndb_struct_na_base_pair.j_PDB_ins_code 
_ndb_struct_na_base_pair.hbond_type_28 
_ndb_struct_na_base_pair.hbond_type_12 
1 A A 1  1_555 B U 14 1_555 -5.436 -1.122 0.139  15.233  -7.725  -25.887 1  A_A43:U77_B A 43 ? B 77 ? ?  ? 
1 A A 2  1_555 B U 13 1_555 0.000  -0.028 0.236  13.828  -19.296 -4.184  2  A_A44:U76_B A 44 ? B 76 ? 20 1 
1 A C 3  1_555 B G 12 1_555 0.196  -0.029 -0.052 11.101  -20.226 1.687   3  A_C45:G75_B A 45 ? B 75 ? 19 1 
1 A G 4  1_555 B C 11 1_555 -0.147 -0.064 -0.079 -10.279 -18.404 1.941   4  A_G46:C74_B A 46 ? B 74 ? 19 1 
1 A G 5  1_555 B A 10 1_555 -0.188 1.503  -0.208 -16.394 0.009   -20.733 5  A_G47:A73_B A 47 ? B 73 ? 8  ? 
1 A G 6  1_555 B G 8  1_555 1.647  3.666  0.233  -17.702 -6.262  -85.555 6  A_G48:G71_B A 48 ? B 71 ? 6  ? 
1 A C 7  1_555 B G 7  1_555 0.285  -0.068 -0.065 7.100   -13.820 2.014   7  A_C49:G70_B A 49 ? B 70 ? 19 1 
1 A G 8  1_555 B C 6  1_555 -0.284 -0.088 0.073  1.576   -17.122 1.971   8  A_G50:C69_B A 50 ? B 69 ? 19 1 
1 A C 9  1_555 B G 4  1_555 0.287  -0.084 0.104  5.087   -16.912 1.305   9  A_C51:G67_B A 51 ? B 67 ? 19 1 
1 A A 10 1_555 B U 3  1_555 0.221  -0.005 0.056  -5.007  -15.415 -4.764  10 A_A52:U66_B A 52 ? B 66 ? 20 1 
1 A G 11 1_555 B C 2  1_555 -0.173 -0.075 0.090  -11.010 -21.403 -0.939  11 A_G53:C65_B A 53 ? B 65 ? 19 1 
1 A A 12 1_555 B U 1  1_555 0.046  -0.029 -0.129 -6.492  -24.607 -1.827  12 A_A54:U64_B A 54 ? B 64 ? 20 1 
# 
loop_
_ndb_struct_na_base_pair_step.model_number 
_ndb_struct_na_base_pair_step.i_label_asym_id_1 
_ndb_struct_na_base_pair_step.i_label_comp_id_1 
_ndb_struct_na_base_pair_step.i_label_seq_id_1 
_ndb_struct_na_base_pair_step.i_symmetry_1 
_ndb_struct_na_base_pair_step.j_label_asym_id_1 
_ndb_struct_na_base_pair_step.j_label_comp_id_1 
_ndb_struct_na_base_pair_step.j_label_seq_id_1 
_ndb_struct_na_base_pair_step.j_symmetry_1 
_ndb_struct_na_base_pair_step.i_label_asym_id_2 
_ndb_struct_na_base_pair_step.i_label_comp_id_2 
_ndb_struct_na_base_pair_step.i_label_seq_id_2 
_ndb_struct_na_base_pair_step.i_symmetry_2 
_ndb_struct_na_base_pair_step.j_label_asym_id_2 
_ndb_struct_na_base_pair_step.j_label_comp_id_2 
_ndb_struct_na_base_pair_step.j_label_seq_id_2 
_ndb_struct_na_base_pair_step.j_symmetry_2 
_ndb_struct_na_base_pair_step.shift 
_ndb_struct_na_base_pair_step.slide 
_ndb_struct_na_base_pair_step.rise 
_ndb_struct_na_base_pair_step.tilt 
_ndb_struct_na_base_pair_step.roll 
_ndb_struct_na_base_pair_step.twist 
_ndb_struct_na_base_pair_step.x_displacement 
_ndb_struct_na_base_pair_step.y_displacement 
_ndb_struct_na_base_pair_step.helical_rise 
_ndb_struct_na_base_pair_step.inclination 
_ndb_struct_na_base_pair_step.tip 
_ndb_struct_na_base_pair_step.helical_twist 
_ndb_struct_na_base_pair_step.step_number 
_ndb_struct_na_base_pair_step.step_name 
_ndb_struct_na_base_pair_step.i_auth_asym_id_1 
_ndb_struct_na_base_pair_step.i_auth_seq_id_1 
_ndb_struct_na_base_pair_step.i_PDB_ins_code_1 
_ndb_struct_na_base_pair_step.j_auth_asym_id_1 
_ndb_struct_na_base_pair_step.j_auth_seq_id_1 
_ndb_struct_na_base_pair_step.j_PDB_ins_code_1 
_ndb_struct_na_base_pair_step.i_auth_asym_id_2 
_ndb_struct_na_base_pair_step.i_auth_seq_id_2 
_ndb_struct_na_base_pair_step.i_PDB_ins_code_2 
_ndb_struct_na_base_pair_step.j_auth_asym_id_2 
_ndb_struct_na_base_pair_step.j_auth_seq_id_2 
_ndb_struct_na_base_pair_step.j_PDB_ins_code_2 
1 A A 1  1_555 B U 14 1_555 A A 2  1_555 B U 13 1_555 1.041  -1.143 3.406 -3.012 5.441  55.505  -1.540 -1.288 3.234 5.822   3.223  
55.824  1  AA_A43A44:U76U77_BB A 43 ? B 77 ? A 44 ? B 76 ? 
1 A A 2  1_555 B U 13 1_555 A C 3  1_555 B G 12 1_555 0.406  -1.036 3.302 2.149  4.553  35.425  -2.339 -0.353 3.167 7.436   -3.509 
35.770  2  AA_A44C45:G75U76_BB A 44 ? B 76 ? A 45 ? B 75 ? 
1 A C 3  1_555 B G 12 1_555 A G 4  1_555 B C 11 1_555 0.423  -1.696 3.737 1.051  11.550 33.242  -4.639 -0.534 3.011 19.467  -1.771 
35.153  3  AA_C45G46:C74G75_BB A 45 ? B 75 ? A 46 ? B 74 ? 
1 A G 4  1_555 B C 11 1_555 A G 5  1_555 B A 10 1_555 -1.160 -2.433 3.256 1.898  5.038  35.027  -4.690 2.167  2.825 8.310   -3.130 
35.426  4  AA_G46G47:A73C74_BB A 46 ? B 74 ? A 47 ? B 73 ? 
1 A G 5  1_555 B A 10 1_555 A G 6  1_555 B G 8  1_555 1.262  -3.226 2.951 5.448  15.110 71.812  -3.104 -0.911 2.404 12.726  -4.588 
73.350  5  AA_G47G48:G71A73_BB A 47 ? B 73 ? A 48 ? B 71 ? 
1 A G 6  1_555 B G 8  1_555 A C 7  1_555 B G 7  1_555 -0.600 1.281  3.086 2.724  10.545 -16.548 -7.980 -0.648 1.988 -32.457 8.384  
-19.790 6  AA_G48C49:G70G71_BB A 48 ? B 71 ? A 49 ? B 70 ? 
1 A C 7  1_555 B G 7  1_555 A G 8  1_555 B C 6  1_555 0.086  -1.675 3.297 -1.102 14.765 27.512  -5.608 -0.346 2.137 28.574  2.132  
31.176  7  AA_C49G50:C69G70_BB A 49 ? B 70 ? A 50 ? B 69 ? 
1 A G 8  1_555 B C 6  1_555 A C 9  1_555 B G 4  1_555 0.707  -1.210 3.161 0.013  3.173  40.842  -2.060 -1.009 3.063 4.539   -0.018 
40.960  8  AA_G50C51:G67C69_BB A 50 ? B 69 ? A 51 ? B 67 ? 
1 A C 9  1_555 B G 4  1_555 A A 10 1_555 B U 3  1_555 -0.328 -1.445 3.372 1.309  10.041 35.716  -3.579 0.686  2.863 15.979  -2.084 
37.079  9  AA_C51A52:U66G67_BB A 51 ? B 67 ? A 52 ? B 66 ? 
1 A A 10 1_555 B U 3  1_555 A G 11 1_555 B C 2  1_555 0.447  -1.212 3.399 1.987  9.673  32.843  -3.569 -0.449 2.955 16.644  -3.420 
34.256  10 AA_A52G53:C65U66_BB A 52 ? B 66 ? A 53 ? B 65 ? 
1 A G 11 1_555 B C 2  1_555 A A 12 1_555 B U 1  1_555 0.168  -0.668 3.225 4.373  7.517  35.724  -2.055 0.313  3.026 12.034  -7.001 
36.733  11 AA_G53A54:U64C65_BB A 53 ? B 65 ? A 54 ? B 64 ? 
# 
_atom_sites.entry_id                    1CSL 
_atom_sites.fract_transf_matrix[1][1]   0.00658492 
_atom_sites.fract_transf_matrix[1][2]   0.01338033 
_atom_sites.fract_transf_matrix[1][3]   -0.00183264 
_atom_sites.fract_transf_matrix[2][1]   -0.02866874 
_atom_sites.fract_transf_matrix[2][2]   0.01032040 
_atom_sites.fract_transf_matrix[2][3]   -0.02766007 
_atom_sites.fract_transf_matrix[3][1]   -0.00753920 
_atom_sites.fract_transf_matrix[3][2]   0.01794871 
_atom_sites.fract_transf_matrix[3][3]   0.01451107 
_atom_sites.fract_transf_vector[1]      0.360569 
_atom_sites.fract_transf_vector[2]      -0.042819 
_atom_sites.fract_transf_vector[3]      0.198348 
# 
loop_
_atom_type.symbol 
C 
N 
O 
P 
# 
loop_
_atom_site.group_PDB 
_atom_site.id 
_atom_site.type_symbol 
_atom_site.label_atom_id 
_atom_site.label_alt_id 
_atom_site.label_comp_id 
_atom_site.label_asym_id 
_atom_site.label_entity_id 
_atom_site.label_seq_id 
_atom_site.pdbx_PDB_ins_code 
_atom_site.Cartn_x 
_atom_site.Cartn_y 
_atom_site.Cartn_z 
_atom_site.occupancy 
_atom_site.B_iso_or_equiv 
_atom_site.pdbx_formal_charge 
_atom_site.auth_seq_id 
_atom_site.auth_comp_id 
_atom_site.auth_asym_id 
_atom_site.auth_atom_id 
_atom_site.pdbx_PDB_model_num 
ATOM   1   O "O5'" . A   A 1 1  ? 6.978   5.878   -8.807  1.00 17.77 ? 43  A   A "O5'" 1 
ATOM   2   C "C5'" . A   A 1 1  ? 6.159   6.368   -9.882  1.00 17.67 ? 43  A   A "C5'" 1 
ATOM   3   C "C4'" . A   A 1 1  ? 6.191   5.481   -11.106 1.00 17.62 ? 43  A   A "C4'" 1 
ATOM   4   O "O4'" . A   A 1 1  ? 7.540   5.434   -11.641 1.00 17.61 ? 43  A   A "O4'" 1 
ATOM   5   C "C3'" . A   A 1 1  ? 5.822   4.024   -10.874 1.00 17.57 ? 43  A   A "C3'" 1 
ATOM   6   O "O3'" . A   A 1 1  ? 4.415   3.804   -10.893 1.00 17.46 ? 43  A   A "O3'" 1 
ATOM   7   C "C2'" . A   A 1 1  ? 6.522   3.315   -12.025 1.00 17.57 ? 43  A   A "C2'" 1 
ATOM   8   O "O2'" . A   A 1 1  ? 5.776   3.370   -13.228 1.00 17.64 ? 43  A   A "O2'" 1 
ATOM   9   C "C1'" . A   A 1 1  ? 7.805   4.139   -12.160 1.00 17.57 ? 43  A   A "C1'" 1 
ATOM   10  N N9    . A   A 1 1  ? 8.902   3.551   -11.386 1.00 17.50 ? 43  A   A N9    1 
ATOM   11  C C8    . A   A 1 1  ? 9.426   4.003   -10.197 1.00 17.49 ? 43  A   A C8    1 
ATOM   12  N N7    . A   A 1 1  ? 10.391  3.251   -9.724  1.00 17.44 ? 43  A   A N7    1 
ATOM   13  C C5    . A   A 1 1  ? 10.515  2.237   -10.661 1.00 17.44 ? 43  A   A C5    1 
ATOM   14  C C6    . A   A 1 1  ? 11.363  1.117   -10.737 1.00 17.43 ? 43  A   A C6    1 
ATOM   15  N N6    . A   A 1 1  ? 12.282  0.822   -9.812  1.00 17.36 ? 43  A   A N6    1 
ATOM   16  N N1    . A   A 1 1  ? 11.235  0.301   -11.805 1.00 17.42 ? 43  A   A N1    1 
ATOM   17  C C2    . A   A 1 1  ? 10.312  0.600   -12.731 1.00 17.46 ? 43  A   A C2    1 
ATOM   18  N N3    . A   A 1 1  ? 9.457   1.621   -12.771 1.00 17.47 ? 43  A   A N3    1 
ATOM   19  C C4    . A   A 1 1  ? 9.609   2.411   -11.695 1.00 17.48 ? 43  A   A C4    1 
ATOM   20  P P     . A   A 1 2  ? 3.773   2.653   -9.965  1.00 17.36 ? 44  A   A P     1 
ATOM   21  O OP1   . A   A 1 2  ? 2.395   2.379   -10.488 1.00 17.35 ? 44  A   A OP1   1 
ATOM   22  O OP2   . A   A 1 2  ? 3.948   3.048   -8.545  1.00 17.36 ? 44  A   A OP2   1 
ATOM   23  O "O5'" . A   A 1 2  ? 4.672   1.363   -10.228 1.00 17.05 ? 44  A   A "O5'" 1 
ATOM   24  C "C5'" . A   A 1 2  ? 4.563   0.609   -11.454 1.00 16.52 ? 44  A   A "C5'" 1 
ATOM   25  C "C4'" . A   A 1 2  ? 5.528   -0.556  -11.439 1.00 16.13 ? 44  A   A "C4'" 1 
ATOM   26  O "O4'" . A   A 1 2  ? 6.885   -0.053  -11.318 1.00 16.04 ? 44  A   A "O4'" 1 
ATOM   27  C "C3'" . A   A 1 2  ? 5.367   -1.521  -10.273 1.00 15.88 ? 44  A   A "C3'" 1 
ATOM   28  O "O3'" . A   A 1 2  ? 4.359   -2.495  -10.547 1.00 15.49 ? 44  A   A "O3'" 1 
ATOM   29  C "C2'" . A   A 1 2  ? 6.766   -2.118  -10.144 1.00 15.89 ? 44  A   A "C2'" 1 
ATOM   30  O "O2'" . A   A 1 2  ? 7.004   -3.140  -11.097 1.00 15.95 ? 44  A   A "O2'" 1 
ATOM   31  C "C1'" . A   A 1 2  ? 7.649   -0.916  -10.487 1.00 15.89 ? 44  A   A "C1'" 1 
ATOM   32  N N9    . A   A 1 2  ? 8.088   -0.143  -9.321  1.00 15.77 ? 44  A   A N9    1 
ATOM   33  C C8    . A   A 1 2  ? 7.553   1.041   -8.873  1.00 15.69 ? 44  A   A C8    1 
ATOM   34  N N7    . A   A 1 2  ? 8.167   1.541   -7.832  1.00 15.63 ? 44  A   A N7    1 
ATOM   35  C C5    . A   A 1 2  ? 9.169   0.622   -7.563  1.00 15.60 ? 44  A   A C5    1 
ATOM   36  C C6    . A   A 1 2  ? 10.169  0.588   -6.581  1.00 15.56 ? 44  A   A C6    1 
ATOM   37  N N6    . A   A 1 2  ? 10.336  1.544   -5.666  1.00 15.50 ? 44  A   A N6    1 
ATOM   38  N N1    . A   A 1 2  ? 11.006  -0.472  -6.574  1.00 15.52 ? 44  A   A N1    1 
ATOM   39  C C2    . A   A 1 2  ? 10.841  -1.422  -7.501  1.00 15.55 ? 44  A   A C2    1 
ATOM   40  N N3    . A   A 1 2  ? 9.943   -1.498  -8.484  1.00 15.60 ? 44  A   A N3    1 
ATOM   41  C C4    . A   A 1 2  ? 9.126   -0.430  -8.461  1.00 15.65 ? 44  A   A C4    1 
ATOM   42  P P     . C   A 1 3  ? 3.313   -2.912  -9.393  1.00 15.18 ? 45  C   A P     1 
ATOM   43  O OP1   . C   A 1 3  ? 2.276   -3.782  -10.019 1.00 15.21 ? 45  C   A OP1   1 
ATOM   44  O OP2   . C   A 1 3  ? 2.897   -1.710  -8.630  1.00 15.21 ? 45  C   A OP2   1 
ATOM   45  O "O5'" . C   A 1 3  ? 4.174   -3.837  -8.424  1.00 14.80 ? 45  C   A "O5'" 1 
ATOM   46  C "C5'" . C   A 1 3  ? 4.686   -5.095  -8.892  1.00 14.11 ? 45  C   A "C5'" 1 
ATOM   47  C "C4'" . C   A 1 3  ? 5.793   -5.580  -7.990  1.00 13.62 ? 45  C   A "C4'" 1 
ATOM   48  O "O4'" . C   A 1 3  ? 6.915   -4.660  -8.045  1.00 13.48 ? 45  C   A "O4'" 1 
ATOM   49  C "C3'" . C   A 1 3  ? 5.468   -5.669  -6.508  1.00 13.35 ? 45  C   A "C3'" 1 
ATOM   50  O "O3'" . C   A 1 3  ? 4.753   -6.841  -6.160  1.00 12.95 ? 45  C   A "O3'" 1 
ATOM   51  C "C2'" . C   A 1 3  ? 6.854   -5.641  -5.884  1.00 13.31 ? 45  C   A "C2'" 1 
ATOM   52  O "O2'" . C   A 1 3  ? 7.482   -6.907  -5.994  1.00 13.32 ? 45  C   A "O2'" 1 
ATOM   53  C "C1'" . C   A 1 3  ? 7.563   -4.628  -6.781  1.00 13.32 ? 45  C   A "C1'" 1 
ATOM   54  N N1    . C   A 1 3  ? 7.454   -3.265  -6.216  1.00 13.19 ? 45  C   A N1    1 
ATOM   55  C C2    . C   A 1 3  ? 8.385   -2.864  -5.251  1.00 13.11 ? 45  C   A C2    1 
ATOM   56  O O2    . C   A 1 3  ? 9.266   -3.660  -4.906  1.00 13.01 ? 45  C   A O2    1 
ATOM   57  N N3    . C   A 1 3  ? 8.294   -1.625  -4.718  1.00 13.00 ? 45  C   A N3    1 
ATOM   58  C C4    . C   A 1 3  ? 7.318   -0.802  -5.103  1.00 13.01 ? 45  C   A C4    1 
ATOM   59  N N4    . C   A 1 3  ? 7.266   0.413   -4.546  1.00 12.91 ? 45  C   A N4    1 
ATOM   60  C C5    . C   A 1 3  ? 6.351   -1.183  -6.077  1.00 13.03 ? 45  C   A C5    1 
ATOM   61  C C6    . C   A 1 3  ? 6.457   -2.409  -6.608  1.00 13.15 ? 45  C   A C6    1 
ATOM   62  P P     . G   A 1 4  ? 3.734   -6.799  -4.919  1.00 12.65 ? 46  G   A P     1 
ATOM   63  O OP1   . G   A 1 4  ? 3.066   -8.122  -4.859  1.00 12.69 ? 46  G   A OP1   1 
ATOM   64  O OP2   . G   A 1 4  ? 2.903   -5.563  -4.985  1.00 12.67 ? 46  G   A OP2   1 
ATOM   65  O "O5'" . G   A 1 4  ? 4.680   -6.658  -3.641  1.00 12.39 ? 46  G   A "O5'" 1 
ATOM   66  C "C5'" . G   A 1 4  ? 5.560   -7.729  -3.270  1.00 11.94 ? 46  G   A "C5'" 1 
ATOM   67  C "C4'" . G   A 1 4  ? 6.463   -7.312  -2.135  1.00 11.61 ? 46  G   A "C4'" 1 
ATOM   68  O "O4'" . G   A 1 4  ? 7.315   -6.207  -2.545  1.00 11.47 ? 46  G   A "O4'" 1 
ATOM   69  C "C3'" . G   A 1 4  ? 5.815   -6.812  -0.853  1.00 11.48 ? 46  G   A "C3'" 1 
ATOM   70  O "O3'" . G   A 1 4  ? 5.324   -7.860  -0.031  1.00 11.41 ? 46  G   A "O3'" 1 
ATOM   71  C "C2'" . G   A 1 4  ? 6.974   -6.070  -0.204  1.00 11.37 ? 46  G   A "C2'" 1 
ATOM   72  O "O2'" . G   A 1 4  ? 7.914   -6.972  0.360   1.00 11.33 ? 46  G   A "O2'" 1 
ATOM   73  C "C1'" . G   A 1 4  ? 7.611   -5.396  -1.418  1.00 11.28 ? 46  G   A "C1'" 1 
ATOM   74  N N9    . G   A 1 4  ? 7.041   -4.065  -1.623  1.00 11.02 ? 46  G   A N9    1 
ATOM   75  C C8    . G   A 1 4  ? 6.128   -3.676  -2.576  1.00 10.96 ? 46  G   A C8    1 
ATOM   76  N N7    . G   A 1 4  ? 5.796   -2.413  -2.487  1.00 10.83 ? 46  G   A N7    1 
ATOM   77  C C5    . G   A 1 4  ? 6.542   -1.936  -1.415  1.00 10.80 ? 46  G   A C5    1 
ATOM   78  C C6    . G   A 1 4  ? 6.610   -0.631  -0.840  1.00 10.75 ? 46  G   A C6    1 
ATOM   79  O O6    . G   A 1 4  ? 6.024   0.407   -1.190  1.00 10.70 ? 46  G   A O6    1 
ATOM   80  N N1    . G   A 1 4  ? 7.478   -0.598  0.245   1.00 10.67 ? 46  G   A N1    1 
ATOM   81  C C2    . G   A 1 4  ? 8.197   -1.669  0.721   1.00 10.71 ? 46  G   A C2    1 
ATOM   82  N N2    . G   A 1 4  ? 8.973   -1.431  1.794   1.00 10.65 ? 46  G   A N2    1 
ATOM   83  N N3    . G   A 1 4  ? 8.156   -2.881  0.187   1.00 10.74 ? 46  G   A N3    1 
ATOM   84  C C4    . G   A 1 4  ? 7.312   -2.943  -0.868  1.00 10.87 ? 46  G   A C4    1 
ATOM   85  P P     . G   A 1 5  ? 4.113   -7.572  0.993   1.00 11.40 ? 47  G   A P     1 
ATOM   86  O OP1   . G   A 1 5  ? 3.631   -8.899  1.455   1.00 11.42 ? 47  G   A OP1   1 
ATOM   87  O OP2   . G   A 1 5  ? 3.144   -6.607  0.396   1.00 11.41 ? 47  G   A OP2   1 
ATOM   88  O "O5'" . G   A 1 5  ? 4.811   -6.827  2.214   1.00 11.41 ? 47  G   A "O5'" 1 
ATOM   89  C "C5'" . G   A 1 5  ? 5.705   -7.524  3.077   1.00 11.45 ? 47  G   A "C5'" 1 
ATOM   90  C "C4'" . G   A 1 5  ? 6.241   -6.596  4.136   1.00 11.49 ? 47  G   A "C4'" 1 
ATOM   91  O "O4'" . G   A 1 5  ? 7.005   -5.532  3.511   1.00 11.39 ? 47  G   A "O4'" 1 
ATOM   92  C "C3'" . G   A 1 5  ? 5.221   -5.844  4.975   1.00 11.59 ? 47  G   A "C3'" 1 
ATOM   93  O "O3'" . G   A 1 5  ? 4.661   -6.617  6.013   1.00 11.92 ? 47  G   A "O3'" 1 
ATOM   94  C "C2'" . G   A 1 5  ? 6.051   -4.689  5.511   1.00 11.47 ? 47  G   A "C2'" 1 
ATOM   95  O "O2'" . G   A 1 5  ? 6.900   -5.110  6.564   1.00 11.49 ? 47  G   A "O2'" 1 
ATOM   96  C "C1'" . G   A 1 5  ? 6.902   -4.348  4.292   1.00 11.34 ? 47  G   A "C1'" 1 
ATOM   97  N N9    . G   A 1 5  ? 6.258   -3.301  3.498   1.00 11.14 ? 47  G   A N9    1 
ATOM   98  C C8    . G   A 1 5  ? 5.575   -3.442  2.312   1.00 11.04 ? 47  G   A C8    1 
ATOM   99  N N7    . G   A 1 5  ? 5.098   -2.313  1.858   1.00 10.97 ? 47  G   A N7    1 
ATOM   100 C C5    . G   A 1 5  ? 5.494   -1.370  2.796   1.00 10.93 ? 47  G   A C5    1 
ATOM   101 C C6    . G   A 1 5  ? 5.271   0.026   2.843   1.00 10.93 ? 47  G   A C6    1 
ATOM   102 O O6    . G   A 1 5  ? 4.672   0.736   2.024   1.00 10.78 ? 47  G   A O6    1 
ATOM   103 N N1    . G   A 1 5  ? 5.829   0.596   3.988   1.00 10.87 ? 47  G   A N1    1 
ATOM   104 C C2    . G   A 1 5  ? 6.518   -0.089  4.956   1.00 10.96 ? 47  G   A C2    1 
ATOM   105 N N2    . G   A 1 5  ? 6.974   0.634   5.994   1.00 10.95 ? 47  G   A N2    1 
ATOM   106 N N3    . G   A 1 5  ? 6.745   -1.392  4.915   1.00 10.94 ? 47  G   A N3    1 
ATOM   107 C C4    . G   A 1 5  ? 6.208   -1.963  3.817   1.00 11.03 ? 47  G   A C4    1 
ATOM   108 P P     . G   A 1 6  ? 3.173   -6.287  6.522   1.00 12.19 ? 48  G   A P     1 
ATOM   109 O OP1   . G   A 1 6  ? 2.864   -7.264  7.595   1.00 12.18 ? 48  G   A OP1   1 
ATOM   110 O OP2   . G   A 1 6  ? 2.254   -6.151  5.358   1.00 12.18 ? 48  G   A OP2   1 
ATOM   111 O "O5'" . G   A 1 6  ? 3.296   -4.843  7.181   1.00 12.31 ? 48  G   A "O5'" 1 
ATOM   112 C "C5'" . G   A 1 6  ? 4.118   -4.627  8.334   1.00 12.58 ? 48  G   A "C5'" 1 
ATOM   113 C "C4'" . G   A 1 6  ? 4.072   -3.174  8.737   1.00 12.77 ? 48  G   A "C4'" 1 
ATOM   114 O "O4'" . G   A 1 6  ? 4.651   -2.351  7.694   1.00 12.77 ? 48  G   A "O4'" 1 
ATOM   115 C "C3'" . G   A 1 6  ? 2.690   -2.581  8.951   1.00 12.92 ? 48  G   A "C3'" 1 
ATOM   116 O "O3'" . G   A 1 6  ? 2.182   -2.905  10.237  1.00 13.18 ? 48  G   A "O3'" 1 
ATOM   117 C "C2'" . G   A 1 6  ? 2.957   -1.091  8.779   1.00 12.86 ? 48  G   A "C2'" 1 
ATOM   118 O "O2'" . G   A 1 6  ? 3.548   -0.532  9.936   1.00 12.88 ? 48  G   A "O2'" 1 
ATOM   119 C "C1'" . G   A 1 6  ? 3.998   -1.093  7.662   1.00 12.81 ? 48  G   A "C1'" 1 
ATOM   120 N N9    . G   A 1 6  ? 3.388   -0.909  6.345   1.00 12.75 ? 48  G   A N9    1 
ATOM   121 C C8    . G   A 1 6  ? 3.057   -1.882  5.433   1.00 12.73 ? 48  G   A C8    1 
ATOM   122 N N7    . G   A 1 6  ? 2.514   -1.403  4.345   1.00 12.72 ? 48  G   A N7    1 
ATOM   123 C C5    . G   A 1 6  ? 2.485   -0.030  4.549   1.00 12.69 ? 48  G   A C5    1 
ATOM   124 C C6    . G   A 1 6  ? 2.010   1.017   3.712   1.00 12.70 ? 48  G   A C6    1 
ATOM   125 O O6    . G   A 1 6  ? 1.518   0.937   2.577   1.00 12.65 ? 48  G   A O6    1 
ATOM   126 N N1    . G   A 1 6  ? 2.161   2.262   4.317   1.00 12.67 ? 48  G   A N1    1 
ATOM   127 C C2    . G   A 1 6  ? 2.706   2.476   5.559   1.00 12.72 ? 48  G   A C2    1 
ATOM   128 N N2    . G   A 1 6  ? 2.761   3.751   5.971   1.00 12.71 ? 48  G   A N2    1 
ATOM   129 N N3    . G   A 1 6  ? 3.163   1.510   6.343   1.00 12.71 ? 48  G   A N3    1 
ATOM   130 C C4    . G   A 1 6  ? 3.020   0.293   5.780   1.00 12.73 ? 48  G   A C4    1 
ATOM   131 P P     . C   A 1 7  ? 0.607   -3.156  10.437  1.00 13.41 ? 49  C   A P     1 
ATOM   132 O OP1   . C   A 1 7  ? 0.477   -3.828  11.758  1.00 13.43 ? 49  C   A OP1   1 
ATOM   133 O OP2   . C   A 1 7  ? -0.008  -3.782  9.231   1.00 13.39 ? 49  C   A OP2   1 
ATOM   134 O "O5'" . C   A 1 7  ? -0.005  -1.694  10.564  1.00 13.52 ? 49  C   A "O5'" 1 
ATOM   135 C "C5'" . C   A 1 7  ? 0.276   -0.885  11.711  1.00 13.70 ? 49  C   A "C5'" 1 
ATOM   136 C "C4'" . C   A 1 7  ? -0.232  0.517   11.493  1.00 13.84 ? 49  C   A "C4'" 1 
ATOM   137 O "O4'" . C   A 1 7  ? 0.521   1.137   10.414  1.00 13.82 ? 49  C   A "O4'" 1 
ATOM   138 C "C3'" . C   A 1 7  ? -1.683  0.647   11.047  1.00 13.95 ? 49  C   A "C3'" 1 
ATOM   139 O "O3'" . C   A 1 7  ? -2.633  0.549   12.106  1.00 14.16 ? 49  C   A "O3'" 1 
ATOM   140 C "C2'" . C   A 1 7  ? -1.689  2.019   10.388  1.00 13.92 ? 49  C   A "C2'" 1 
ATOM   141 O "O2'" . C   A 1 7  ? -1.752  3.066   11.334  1.00 13.99 ? 49  C   A "O2'" 1 
ATOM   142 C "C1'" . C   A 1 7  ? -0.322  2.035   9.706   1.00 13.84 ? 49  C   A "C1'" 1 
ATOM   143 N N1    . C   A 1 7  ? -0.443  1.597   8.305   1.00 13.73 ? 49  C   A N1    1 
ATOM   144 C C2    . C   A 1 7  ? -0.675  2.568   7.324   1.00 13.69 ? 49  C   A C2    1 
ATOM   145 O O2    . C   A 1 7  ? -0.722  3.766   7.665   1.00 13.69 ? 49  C   A O2    1 
ATOM   146 N N3    . C   A 1 7  ? -0.844  2.184   6.039   1.00 13.62 ? 49  C   A N3    1 
ATOM   147 C C4    . C   A 1 7  ? -0.789  0.891   5.714   1.00 13.62 ? 49  C   A C4    1 
ATOM   148 N N4    . C   A 1 7  ? -0.983  0.559   4.429   1.00 13.56 ? 49  C   A N4    1 
ATOM   149 C C5    . C   A 1 7  ? -0.536  -0.121  6.687   1.00 13.61 ? 49  C   A C5    1 
ATOM   150 C C6    . C   A 1 7  ? -0.365  0.272   7.958   1.00 13.68 ? 49  C   A C6    1 
ATOM   151 P P     . G   A 1 8  ? -4.140  0.086   11.777  1.00 14.35 ? 50  G   A P     1 
ATOM   152 O OP1   . G   A 1 8  ? -4.843  -0.115  13.072  1.00 14.36 ? 50  G   A OP1   1 
ATOM   153 O OP2   . G   A 1 8  ? -4.126  -1.012  10.777  1.00 14.35 ? 50  G   A OP2   1 
ATOM   154 O "O5'" . G   A 1 8  ? -4.785  1.350   11.059  1.00 14.39 ? 50  G   A "O5'" 1 
ATOM   155 C "C5'" . G   A 1 8  ? -4.898  2.598   11.752  1.00 14.56 ? 50  G   A "C5'" 1 
ATOM   156 C "C4'" . G   A 1 8  ? -5.342  3.686   10.811  1.00 14.67 ? 50  G   A "C4'" 1 
ATOM   157 O "O4'" . G   A 1 8  ? -4.342  3.876   9.775   1.00 14.57 ? 50  G   A "O4'" 1 
ATOM   158 C "C3'" . G   A 1 8  ? -6.626  3.452   10.031  1.00 14.79 ? 50  G   A "C3'" 1 
ATOM   159 O "O3'" . G   A 1 8  ? -7.806  3.708   10.784  1.00 15.14 ? 50  G   A "O3'" 1 
ATOM   160 C "C2'" . G   A 1 8  ? -6.468  4.427   8.876   1.00 14.67 ? 50  G   A "C2'" 1 
ATOM   161 O "O2'" . G   A 1 8  ? -6.760  5.754   9.273   1.00 14.68 ? 50  G   A "O2'" 1 
ATOM   162 C "C1'" . G   A 1 8  ? -4.974  4.310   8.581   1.00 14.53 ? 50  G   A "C1'" 1 
ATOM   163 N N9    . G   A 1 8  ? -4.715  3.336   7.522   1.00 14.29 ? 50  G   A N9    1 
ATOM   164 C C8    . G   A 1 8  ? -4.290  2.035   7.658   1.00 14.25 ? 50  G   A C8    1 
ATOM   165 N N7    . G   A 1 8  ? -4.155  1.416   6.517   1.00 14.14 ? 50  G   A N7    1 
ATOM   166 C C5    . G   A 1 8  ? -4.507  2.369   5.567   1.00 14.07 ? 50  G   A C5    1 
ATOM   167 C C6    . G   A 1 8  ? -4.553  2.283   4.148   1.00 14.04 ? 50  G   A C6    1 
ATOM   168 O O6    . G   A 1 8  ? -4.272  1.320   3.423   1.00 13.94 ? 50  G   A O6    1 
ATOM   169 N N1    . G   A 1 8  ? -4.981  3.479   3.578   1.00 13.92 ? 50  G   A N1    1 
ATOM   170 C C2    . G   A 1 8  ? -5.321  4.611   4.278   1.00 13.97 ? 50  G   A C2    1 
ATOM   171 N N2    . G   A 1 8  ? -5.728  5.659   3.549   1.00 13.87 ? 50  G   A N2    1 
ATOM   172 N N3    . G   A 1 8  ? -5.271  4.706   5.595   1.00 13.99 ? 50  G   A N3    1 
ATOM   173 C C4    . G   A 1 8  ? -4.859  3.556   6.171   1.00 14.16 ? 50  G   A C4    1 
ATOM   174 P P     . C   A 1 9  ? -9.159  2.908   10.430  1.00 15.44 ? 51  C   A P     1 
ATOM   175 O OP1   . C   A 1 9  ? -10.177 3.245   11.461  1.00 15.45 ? 51  C   A OP1   1 
ATOM   176 O OP2   . C   A 1 9  ? -8.806  1.481   10.185  1.00 15.44 ? 51  C   A OP2   1 
ATOM   177 O "O5'" . C   A 1 9  ? -9.628  3.522   9.034   1.00 15.55 ? 51  C   A "O5'" 1 
ATOM   178 C "C5'" . C   A 1 9  ? -10.066 4.887   8.929   1.00 15.77 ? 51  C   A "C5'" 1 
ATOM   179 C "C4'" . C   A 1 9  ? -10.266 5.260   7.480   1.00 15.92 ? 51  C   A "C4'" 1 
ATOM   180 O "O4'" . C   A 1 9  ? -9.013  5.087   6.764   1.00 15.88 ? 51  C   A "O4'" 1 
ATOM   181 C "C3'" . C   A 1 9  ? -11.259 4.410   6.700   1.00 16.06 ? 51  C   A "C3'" 1 
ATOM   182 O "O3'" . C   A 1 9  ? -12.606 4.826   6.878   1.00 16.35 ? 51  C   A "O3'" 1 
ATOM   183 C "C2'" . C   A 1 9  ? -10.791 4.592   5.264   1.00 15.97 ? 51  C   A "C2'" 1 
ATOM   184 O "O2'" . C   A 1 9  ? -11.254 5.798   4.692   1.00 16.02 ? 51  C   A "O2'" 1 
ATOM   185 C "C1'" . C   A 1 9  ? -9.275  4.652   5.440   1.00 15.88 ? 51  C   A "C1'" 1 
ATOM   186 N N1    . C   A 1 9  ? -8.658  3.325   5.240   1.00 15.73 ? 51  C   A N1    1 
ATOM   187 C C2    . C   A 1 9  ? -8.377  2.908   3.932   1.00 15.65 ? 51  C   A C2    1 
ATOM   188 O O2    . C   A 1 9  ? -8.642  3.672   2.986   1.00 15.52 ? 51  C   A O2    1 
ATOM   189 N N3    . C   A 1 9  ? -7.829  1.685   3.729   1.00 15.59 ? 51  C   A N3    1 
ATOM   190 C C4    . C   A 1 9  ? -7.566  0.889   4.766   1.00 15.58 ? 51  C   A C4    1 
ATOM   191 N N4    . C   A 1 9  ? -7.032  -0.313  4.512   1.00 15.53 ? 51  C   A N4    1 
ATOM   192 C C5    . C   A 1 9  ? -7.838  1.286   6.111   1.00 15.62 ? 51  C   A C5    1 
ATOM   193 C C6    . C   A 1 9  ? -8.377  2.502   6.300   1.00 15.67 ? 51  C   A C6    1 
ATOM   194 P P     . A   A 1 10 ? -13.800 3.776   6.616   1.00 16.56 ? 52  A   A P     1 
ATOM   195 O OP1   . A   A 1 10 ? -15.060 4.449   7.040   1.00 16.61 ? 52  A   A OP1   1 
ATOM   196 O OP2   . A   A 1 10 ? -13.426 2.468   7.217   1.00 16.56 ? 52  A   A OP2   1 
ATOM   197 O "O5'" . A   A 1 10 ? -13.821 3.584   5.034   1.00 16.66 ? 52  A   A "O5'" 1 
ATOM   198 C "C5'" . A   A 1 10 ? -14.296 4.628   4.167   1.00 16.84 ? 52  A   A "C5'" 1 
ATOM   199 C "C4'" . A   A 1 10 ? -14.193 4.205   2.721   1.00 16.98 ? 52  A   A "C4'" 1 
ATOM   200 O "O4'" . A   A 1 10 ? -12.799 3.969   2.379   1.00 16.97 ? 52  A   A "O4'" 1 
ATOM   201 C "C3'" . A   A 1 10 ? -14.897 2.911   2.334   1.00 17.07 ? 52  A   A "C3'" 1 
ATOM   202 O "O3'" . A   A 1 10 ? -16.290 3.095   2.092   1.00 17.30 ? 52  A   A "O3'" 1 
ATOM   203 C "C2'" . A   A 1 10 ? -14.138 2.504   1.076   1.00 17.02 ? 52  A   A "C2'" 1 
ATOM   204 O "O2'" . A   A 1 10 ? -14.557 3.245   -0.054  1.00 17.04 ? 52  A   A "O2'" 1 
ATOM   205 C "C1'" . A   A 1 10 ? -12.707 2.911   1.437   1.00 16.92 ? 52  A   A "C1'" 1 
ATOM   206 N N9    . A   A 1 10 ? -11.965 1.808   2.058   1.00 16.82 ? 52  A   A N9    1 
ATOM   207 C C8    . A   A 1 10 ? -11.751 1.590   3.397   1.00 16.75 ? 52  A   A C8    1 
ATOM   208 N N7    . A   A 1 10 ? -11.061 0.506   3.654   1.00 16.69 ? 52  A   A N7    1 
ATOM   209 C C5    . A   A 1 10 ? -10.797 -0.027  2.402   1.00 16.67 ? 52  A   A C5    1 
ATOM   210 C C6    . A   A 1 10 ? -10.096 -1.178  1.992   1.00 16.64 ? 52  A   A C6    1 
ATOM   211 N N6    . A   A 1 10 ? -9.512  -2.032  2.839   1.00 16.61 ? 52  A   A N6    1 
ATOM   212 N N1    . A   A 1 10 ? -10.018 -1.424  0.669   1.00 16.63 ? 52  A   A N1    1 
ATOM   213 C C2    . A   A 1 10 ? -10.603 -0.570  -0.178  1.00 16.64 ? 52  A   A C2    1 
ATOM   214 N N3    . A   A 1 10 ? -11.282 0.548   0.084   1.00 16.68 ? 52  A   A N3    1 
ATOM   215 C C4    . A   A 1 10 ? -11.344 0.764   1.408   1.00 16.72 ? 52  A   A C4    1 
ATOM   216 P P     . G   A 1 11 ? -17.299 1.855   2.282   1.00 17.46 ? 53  G   A P     1 
ATOM   217 O OP1   . G   A 1 11 ? -18.669 2.371   2.024   1.00 17.48 ? 53  G   A OP1   1 
ATOM   218 O OP2   . G   A 1 11 ? -17.002 1.179   3.566   1.00 17.47 ? 53  G   A OP2   1 
ATOM   219 O "O5'" . G   A 1 11 ? -16.916 0.866   1.092   1.00 17.52 ? 53  G   A "O5'" 1 
ATOM   220 C "C5'" . G   A 1 11 ? -17.069 1.275   -0.280  1.00 17.62 ? 53  G   A "C5'" 1 
ATOM   221 C "C4'" . G   A 1 11 ? -16.486 0.235   -1.209  1.00 17.73 ? 53  G   A "C4'" 1 
ATOM   222 O "O4'" . G   A 1 11 ? -15.063 0.097   -0.955  1.00 17.66 ? 53  G   A "O4'" 1 
ATOM   223 C "C3'" . G   A 1 11 ? -17.035 -1.173  -1.066  1.00 17.81 ? 53  G   A "C3'" 1 
ATOM   224 O "O3'" . G   A 1 11 ? -18.253 -1.340  -1.778  1.00 18.07 ? 53  G   A "O3'" 1 
ATOM   225 C "C2'" . G   A 1 11 ? -15.901 -2.028  -1.623  1.00 17.73 ? 53  G   A "C2'" 1 
ATOM   226 O "O2'" . G   A 1 11 ? -15.887 -2.085  -3.038  1.00 17.73 ? 53  G   A "O2'" 1 
ATOM   227 C "C1'" . G   A 1 11 ? -14.671 -1.251  -1.152  1.00 17.62 ? 53  G   A "C1'" 1 
ATOM   228 N N9    . G   A 1 11 ? -14.134 -1.766  0.105   1.00 17.44 ? 53  G   A N9    1 
ATOM   229 C C8    . G   A 1 11 ? -14.348 -1.270  1.372   1.00 17.37 ? 53  G   A C8    1 
ATOM   230 N N7    . G   A 1 11 ? -13.719 -1.939  2.299   1.00 17.28 ? 53  G   A N7    1 
ATOM   231 C C5    . G   A 1 11 ? -13.052 -2.941  1.607   1.00 17.26 ? 53  G   A C5    1 
ATOM   232 C C6    . G   A 1 11 ? -12.195 -3.968  2.076   1.00 17.20 ? 53  G   A C6    1 
ATOM   233 O O6    . G   A 1 11 ? -11.833 -4.204  3.234   1.00 17.12 ? 53  G   A O6    1 
ATOM   234 N N1    . G   A 1 11 ? -11.741 -4.769  1.034   1.00 17.17 ? 53  G   A N1    1 
ATOM   235 C C2    . G   A 1 11 ? -12.061 -4.605  -0.289  1.00 17.19 ? 53  G   A C2    1 
ATOM   236 N N2    . G   A 1 11 ? -11.520 -5.496  -1.137  1.00 17.15 ? 53  G   A N2    1 
ATOM   237 N N3    . G   A 1 11 ? -12.850 -3.644  -0.745  1.00 17.21 ? 53  G   A N3    1 
ATOM   238 C C4    . G   A 1 11 ? -13.307 -2.853  0.252   1.00 17.32 ? 53  G   A C4    1 
ATOM   239 P P     . A   A 1 12 ? -19.310 -2.448  -1.291  1.00 18.27 ? 54  A   A P     1 
ATOM   240 O OP1   . A   A 1 12 ? -20.498 -2.354  -2.188  1.00 18.26 ? 54  A   A OP1   1 
ATOM   241 O OP2   . A   A 1 12 ? -19.492 -2.355  0.177   1.00 18.23 ? 54  A   A OP2   1 
ATOM   242 O "O5'" . A   A 1 12 ? -18.584 -3.828  -1.601  1.00 18.38 ? 54  A   A "O5'" 1 
ATOM   243 C "C5'" . A   A 1 12 ? -18.239 -4.184  -2.949  1.00 18.63 ? 54  A   A "C5'" 1 
ATOM   244 C "C4'" . A   A 1 12 ? -17.486 -5.488  -2.968  1.00 18.81 ? 54  A   A "C4'" 1 
ATOM   245 O "O4'" . A   A 1 12 ? -16.213 -5.321  -2.293  1.00 18.79 ? 54  A   A "O4'" 1 
ATOM   246 C "C3'" . A   A 1 12 ? -18.155 -6.642  -2.241  1.00 18.93 ? 54  A   A "C3'" 1 
ATOM   247 O "O3'" . A   A 1 12 ? -19.139 -7.263  -3.061  1.00 19.22 ? 54  A   A "O3'" 1 
ATOM   248 C "C2'" . A   A 1 12 ? -16.973 -7.545  -1.907  1.00 18.88 ? 54  A   A "C2'" 1 
ATOM   249 O "O2'" . A   A 1 12 ? -16.569 -8.327  -3.013  1.00 18.86 ? 54  A   A "O2'" 1 
ATOM   250 C "C1'" . A   A 1 12 ? -15.873 -6.518  -1.618  1.00 18.80 ? 54  A   A "C1'" 1 
ATOM   251 N N9    . A   A 1 12 ? -15.705 -6.214  -0.196  1.00 18.71 ? 54  A   A N9    1 
ATOM   252 C C8    . A   A 1 12 ? -16.412 -5.332  0.591   1.00 18.68 ? 54  A   A C8    1 
ATOM   253 N N7    . A   A 1 12 ? -15.992 -5.279  1.831   1.00 18.64 ? 54  A   A N7    1 
ATOM   254 C C5    . A   A 1 12 ? -14.944 -6.190  1.867   1.00 18.63 ? 54  A   A C5    1 
ATOM   255 C C6    . A   A 1 12 ? -14.074 -6.593  2.893   1.00 18.62 ? 54  A   A C6    1 
ATOM   256 N N6    . A   A 1 12 ? -14.114 -6.110  4.138   1.00 18.62 ? 54  A   A N6    1 
ATOM   257 N N1    . A   A 1 12 ? -13.141 -7.522  2.594   1.00 18.62 ? 54  A   A N1    1 
ATOM   258 C C2    . A   A 1 12 ? -13.090 -8.003  1.349   1.00 18.62 ? 54  A   A C2    1 
ATOM   259 N N3    . A   A 1 12 ? -13.846 -7.701  0.299   1.00 18.65 ? 54  A   A N3    1 
ATOM   260 C C4    . A   A 1 12 ? -14.763 -6.777  0.627   1.00 18.66 ? 54  A   A C4    1 
ATOM   261 P P     . A   A 1 13 ? -20.545 -7.711  -2.420  1.00 19.43 ? 55  A   A P     1 
ATOM   262 O OP1   . A   A 1 13 ? -21.483 -8.009  -3.537  1.00 19.46 ? 55  A   A OP1   1 
ATOM   263 O OP2   . A   A 1 13 ? -20.936 -6.727  -1.376  1.00 19.46 ? 55  A   A OP2   1 
ATOM   264 O "O5'" . A   A 1 13 ? -20.193 -9.093  -1.710  1.00 19.51 ? 55  A   A "O5'" 1 
ATOM   265 C "C5'" . A   A 1 13 ? -19.736 -10.212 -2.494  1.00 19.71 ? 55  A   A "C5'" 1 
ATOM   266 C "C4'" . A   A 1 13 ? -18.944 -11.172 -1.639  1.00 19.81 ? 55  A   A "C4'" 1 
ATOM   267 O "O4'" . A   A 1 13 ? -17.818 -10.481 -1.040  1.00 19.88 ? 55  A   A "O4'" 1 
ATOM   268 C "C3'" . A   A 1 13 ? -19.675 -11.779 -0.456  1.00 19.85 ? 55  A   A "C3'" 1 
ATOM   269 O "O3'" . A   A 1 13 ? -20.716 -12.721 -0.747  1.00 19.89 ? 55  A   A "O3'" 1 
ATOM   270 C "C2'" . A   A 1 13 ? -18.534 -12.183 0.468   1.00 19.88 ? 55  A   A "C2'" 1 
ATOM   271 O "O2'" . A   A 1 13 ? -17.939 -13.399 0.069   1.00 19.89 ? 55  A   A "O2'" 1 
ATOM   272 C "C1'" . A   A 1 13 ? -17.533 -11.044 0.229   1.00 19.92 ? 55  A   A "C1'" 1 
ATOM   273 N N9    . A   A 1 13 ? -17.635 -9.990  1.243   1.00 20.01 ? 55  A   A N9    1 
ATOM   274 C C8    . A   A 1 13 ? -18.569 -8.983  1.324   1.00 20.05 ? 55  A   A C8    1 
ATOM   275 N N7    . A   A 1 13 ? -18.434 -8.221  2.384   1.00 20.08 ? 55  A   A N7    1 
ATOM   276 C C5    . A   A 1 13 ? -17.333 -8.755  3.039   1.00 20.08 ? 55  A   A C5    1 
ATOM   277 C C6    . A   A 1 13 ? -16.685 -8.405  4.235   1.00 20.10 ? 55  A   A C6    1 
ATOM   278 N N6    . A   A 1 13 ? -17.075 -7.396  5.016   1.00 20.12 ? 55  A   A N6    1 
ATOM   279 N N1    . A   A 1 13 ? -15.613 -9.135  4.608   1.00 20.12 ? 55  A   A N1    1 
ATOM   280 C C2    . A   A 1 13 ? -15.224 -10.144 3.824   1.00 20.10 ? 55  A   A C2    1 
ATOM   281 N N3    . A   A 1 13 ? -15.749 -10.573 2.679   1.00 20.09 ? 55  A   A N3    1 
ATOM   282 C C4    . A   A 1 13 ? -16.818 -9.830  2.339   1.00 20.04 ? 55  A   A C4    1 
ATOM   283 O "O5'" . U   B 2 1  ? -6.137  -9.678  7.195   1.00 16.06 ? 64  U   B "O5'" 1 
ATOM   284 C "C5'" . U   B 2 1  ? -5.975  -11.096 7.125   1.00 15.93 ? 64  U   B "C5'" 1 
ATOM   285 C "C4'" . U   B 2 1  ? -6.733  -11.686 5.960   1.00 15.85 ? 64  U   B "C4'" 1 
ATOM   286 O "O4'" . U   B 2 1  ? -8.160  -11.604 6.222   1.00 15.91 ? 64  U   B "O4'" 1 
ATOM   287 C "C3'" . U   B 2 1  ? -6.530  -10.967 4.634   1.00 15.75 ? 64  U   B "C3'" 1 
ATOM   288 O "O3'" . U   B 2 1  ? -5.365  -11.438 3.950   1.00 15.48 ? 64  U   B "O3'" 1 
ATOM   289 C "C2'" . U   B 2 1  ? -7.819  -11.289 3.886   1.00 15.82 ? 64  U   B "C2'" 1 
ATOM   290 O "O2'" . U   B 2 1  ? -7.784  -12.577 3.299   1.00 15.88 ? 64  U   B "O2'" 1 
ATOM   291 C "C1'" . U   B 2 1  ? -8.848  -11.293 5.021   1.00 15.91 ? 64  U   B "C1'" 1 
ATOM   292 N N1    . U   B 2 1  ? -9.550  -10.008 5.205   1.00 15.99 ? 64  U   B N1    1 
ATOM   293 C C2    . U   B 2 1  ? -10.587 -9.693  4.331   1.00 16.05 ? 64  U   B C2    1 
ATOM   294 O O2    . U   B 2 1  ? -10.912 -10.409 3.399   1.00 16.13 ? 64  U   B O2    1 
ATOM   295 N N3    . U   B 2 1  ? -11.226 -8.502  4.588   1.00 16.03 ? 64  U   B N3    1 
ATOM   296 C C4    . U   B 2 1  ? -10.938 -7.604  5.597   1.00 16.07 ? 64  U   B C4    1 
ATOM   297 O O4    . U   B 2 1  ? -11.646 -6.605  5.743   1.00 16.06 ? 64  U   B O4    1 
ATOM   298 C C5    . U   B 2 1  ? -9.841  -7.983  6.436   1.00 16.05 ? 64  U   B C5    1 
ATOM   299 C C6    . U   B 2 1  ? -9.202  -9.138  6.219   1.00 16.03 ? 64  U   B C6    1 
ATOM   300 P P     . C   B 2 2  ? -4.256  -10.389 3.421   1.00 15.26 ? 65  C   B P     1 
ATOM   301 O OP1   . C   B 2 2  ? -2.977  -11.143 3.319   1.00 15.29 ? 65  C   B OP1   1 
ATOM   302 O OP2   . C   B 2 2  ? -4.314  -9.144  4.235   1.00 15.27 ? 65  C   B OP2   1 
ATOM   303 O "O5'" . C   B 2 2  ? -4.723  -10.011 1.946   1.00 14.98 ? 65  C   B "O5'" 1 
ATOM   304 C "C5'" . C   B 2 2  ? -4.792  -11.014 0.922   1.00 14.54 ? 65  C   B "C5'" 1 
ATOM   305 C "C4'" . C   B 2 2  ? -5.884  -10.684 -0.065  1.00 14.23 ? 65  C   B "C4'" 1 
ATOM   306 O "O4'" . C   B 2 2  ? -7.157  -10.601 0.632   1.00 14.17 ? 65  C   B "O4'" 1 
ATOM   307 C "C3'" . C   B 2 2  ? -5.770  -9.350  -0.786  1.00 14.04 ? 65  C   B "C3'" 1 
ATOM   308 O "O3'" . C   B 2 2  ? -4.885  -9.415  -1.896  1.00 13.75 ? 65  C   B "O3'" 1 
ATOM   309 C "C2'" . C   B 2 2  ? -7.214  -9.096  -1.201  1.00 14.05 ? 65  C   B "C2'" 1 
ATOM   310 O "O2'" . C   B 2 2  ? -7.596  -9.884  -2.320  1.00 14.06 ? 65  C   B "O2'" 1 
ATOM   311 C "C1'" . C   B 2 2  ? -7.975  -9.615  0.017   1.00 14.11 ? 65  C   B "C1'" 1 
ATOM   312 N N1    . C   B 2 2  ? -8.264  -8.543  1.000   1.00 14.08 ? 65  C   B N1    1 
ATOM   313 C C2    . C   B 2 2  ? -9.345  -7.677  0.764   1.00 14.09 ? 65  C   B C2    1 
ATOM   314 O O2    . C   B 2 2  ? -9.994  -7.793  -0.285  1.00 14.02 ? 65  C   B O2    1 
ATOM   315 N N3    . C   B 2 2  ? -9.645  -6.728  1.682   1.00 14.08 ? 65  C   B N3    1 
ATOM   316 C C4    . C   B 2 2  ? -8.909  -6.609  2.787   1.00 14.12 ? 65  C   B C4    1 
ATOM   317 N N4    . C   B 2 2  ? -9.262  -5.675  3.679   1.00 14.09 ? 65  C   B N4    1 
ATOM   318 C C5    . C   B 2 2  ? -7.781  -7.448  3.036   1.00 14.10 ? 65  C   B C5    1 
ATOM   319 C C6    . C   B 2 2  ? -7.500  -8.394  2.129   1.00 14.13 ? 65  C   B C6    1 
ATOM   320 P P     . U   B 2 3  ? -3.776  -8.263  -2.107  1.00 13.53 ? 66  U   B P     1 
ATOM   321 O OP1   . U   B 2 3  ? -2.693  -8.881  -2.917  1.00 13.52 ? 66  U   B OP1   1 
ATOM   322 O OP2   . U   B 2 3  ? -3.443  -7.635  -0.800  1.00 13.57 ? 66  U   B OP2   1 
ATOM   323 O "O5'" . U   B 2 3  ? -4.516  -7.170  -3.002  1.00 13.40 ? 66  U   B "O5'" 1 
ATOM   324 C "C5'" . U   B 2 3  ? -4.994  -7.502  -4.318  1.00 13.18 ? 66  U   B "C5'" 1 
ATOM   325 C "C4'" . U   B 2 3  ? -6.116  -6.577  -4.730  1.00 13.04 ? 66  U   B "C4'" 1 
ATOM   326 O "O4'" . U   B 2 3  ? -7.229  -6.708  -3.808  1.00 12.99 ? 66  U   B "O4'" 1 
ATOM   327 C "C3'" . U   B 2 3  ? -5.811  -5.087  -4.750  1.00 12.97 ? 66  U   B "C3'" 1 
ATOM   328 O "O3'" . U   B 2 3  ? -5.175  -4.697  -5.959  1.00 12.94 ? 66  U   B "O3'" 1 
ATOM   329 C "C2'" . U   B 2 3  ? -7.200  -4.475  -4.617  1.00 12.94 ? 66  U   B "C2'" 1 
ATOM   330 O "O2'" . U   B 2 3  ? -7.897  -4.490  -5.847  1.00 12.97 ? 66  U   B "O2'" 1 
ATOM   331 C "C1'" . U   B 2 3  ? -7.880  -5.456  -3.663  1.00 12.93 ? 66  U   B "C1'" 1 
ATOM   332 N N1    . U   B 2 3  ? -7.780  -5.030  -2.256  1.00 12.82 ? 66  U   B N1    1 
ATOM   333 C C2    . U   B 2 3  ? -8.608  -3.995  -1.820  1.00 12.81 ? 66  U   B C2    1 
ATOM   334 O O2    . U   B 2 3  ? -9.394  -3.414  -2.552  1.00 12.75 ? 66  U   B O2    1 
ATOM   335 N N3    . U   B 2 3  ? -8.470  -3.664  -0.495  1.00 12.74 ? 66  U   B N3    1 
ATOM   336 C C4    . U   B 2 3  ? -7.609  -4.237  0.422   1.00 12.76 ? 66  U   B C4    1 
ATOM   337 O O4    . U   B 2 3  ? -7.625  -3.852  1.590   1.00 12.72 ? 66  U   B O4    1 
ATOM   338 C C5    . U   B 2 3  ? -6.784  -5.280  -0.104  1.00 12.77 ? 66  U   B C5    1 
ATOM   339 C C6    . U   B 2 3  ? -6.896  -5.632  -1.388  1.00 12.82 ? 66  U   B C6    1 
ATOM   340 P P     . G   B 2 4  ? -4.197  -3.414  -5.973  1.00 12.90 ? 67  G   B P     1 
ATOM   341 O OP1   . G   B 2 4  ? -3.664  -3.299  -7.350  1.00 12.95 ? 67  G   B OP1   1 
ATOM   342 O OP2   . G   B 2 4  ? -3.266  -3.481  -4.822  1.00 12.92 ? 67  G   B OP2   1 
ATOM   343 O "O5'" . G   B 2 4  ? -5.163  -2.184  -5.693  1.00 12.82 ? 67  G   B "O5'" 1 
ATOM   344 C "C5'" . G   B 2 4  ? -6.114  -1.759  -6.670  1.00 12.70 ? 67  G   B "C5'" 1 
ATOM   345 C "C4'" . G   B 2 4  ? -6.909  -0.597  -6.139  1.00 12.62 ? 67  G   B "C4'" 1 
ATOM   346 O "O4'" . G   B 2 4  ? -7.718  -1.025  -5.018  1.00 12.54 ? 67  G   B "O4'" 1 
ATOM   347 C "C3'" . G   B 2 4  ? -6.097  0.557   -5.575  1.00 12.61 ? 67  G   B "C3'" 1 
ATOM   348 O "O3'" . G   B 2 4  ? -5.625  1.414   -6.584  1.00 12.66 ? 67  G   B "O3'" 1 
ATOM   349 C "C2'" . G   B 2 4  ? -7.104  1.239   -4.667  1.00 12.56 ? 67  G   B "C2'" 1 
ATOM   350 O "O2'" . G   B 2 4  ? -8.020  2.018   -5.413  1.00 12.65 ? 67  G   B "O2'" 1 
ATOM   351 C "C1'" . G   B 2 4  ? -7.830  0.033   -4.077  1.00 12.49 ? 67  G   B "C1'" 1 
ATOM   352 N N9    . G   B 2 4  ? -7.238  -0.402  -2.811  1.00 12.31 ? 67  G   B N9    1 
ATOM   353 C C8    . G   B 2 4  ? -6.396  -1.471  -2.600  1.00 12.28 ? 67  G   B C8    1 
ATOM   354 N N7    . G   B 2 4  ? -6.052  -1.612  -1.346  1.00 12.19 ? 67  G   B N7    1 
ATOM   355 C C5    . G   B 2 4  ? -6.704  -0.577  -0.690  1.00 12.16 ? 67  G   B C5    1 
ATOM   356 C C6    . G   B 2 4  ? -6.725  -0.226  0.691   1.00 12.15 ? 67  G   B C6    1 
ATOM   357 O O6    . G   B 2 4  ? -6.170  -0.793  1.641   1.00 12.11 ? 67  G   B O6    1 
ATOM   358 N N1    . G   B 2 4  ? -7.501  0.909   0.916   1.00 12.12 ? 67  G   B N1    1 
ATOM   359 C C2    . G   B 2 4  ? -8.173  1.614   -0.056  1.00 12.16 ? 67  G   B C2    1 
ATOM   360 N N2    . G   B 2 4  ? -8.852  2.699   0.350   1.00 12.08 ? 67  G   B N2    1 
ATOM   361 N N3    . G   B 2 4  ? -8.177  1.285   -1.337  1.00 12.15 ? 67  G   B N3    1 
ATOM   362 C C4    . G   B 2 4  ? -7.427  0.188   -1.582  1.00 12.22 ? 67  G   B C4    1 
ATOM   363 P P     . A   B 2 5  ? -4.185  2.099   -6.425  1.00 12.68 ? 68  A   B P     1 
ATOM   364 O OP1   . A   B 2 5  ? -3.188  1.007   -6.293  1.00 12.74 ? 68  A   B OP1   1 
ATOM   365 O OP2   . A   B 2 5  ? -4.264  3.144   -5.369  1.00 12.74 ? 68  A   B OP2   1 
ATOM   366 O "O5'" . A   B 2 5  ? -3.975  2.749   -7.866  1.00 12.58 ? 68  A   B "O5'" 1 
ATOM   367 C "C5'" . A   B 2 5  ? -3.689  4.147   -8.054  1.00 12.42 ? 68  A   B "C5'" 1 
ATOM   368 C "C4'" . A   B 2 5  ? -4.514  4.687   -9.202  1.00 12.30 ? 68  A   B "C4'" 1 
ATOM   369 O "O4'" . A   B 2 5  ? -4.391  3.793   -10.346 1.00 12.21 ? 68  A   B "O4'" 1 
ATOM   370 C "C3'" . A   B 2 5  ? -6.010  4.770   -8.937  1.00 12.26 ? 68  A   B "C3'" 1 
ATOM   371 O "O3'" . A   B 2 5  ? -6.332  6.026   -8.332  1.00 12.29 ? 68  A   B "O3'" 1 
ATOM   372 C "C2'" . A   B 2 5  ? -6.613  4.669   -10.335 1.00 12.16 ? 68  A   B "C2'" 1 
ATOM   373 O "O2'" . A   B 2 5  ? -6.639  5.931   -10.971 1.00 12.14 ? 68  A   B "O2'" 1 
ATOM   374 C "C1'" . A   B 2 5  ? -5.621  3.743   -11.050 1.00 12.14 ? 68  A   B "C1'" 1 
ATOM   375 N N9    . A   B 2 5  ? -6.050  2.342   -11.142 1.00 12.00 ? 68  A   B N9    1 
ATOM   376 C C8    . A   B 2 5  ? -6.200  1.438   -10.117 1.00 11.99 ? 68  A   B C8    1 
ATOM   377 N N7    . A   B 2 5  ? -6.597  0.248   -10.510 1.00 11.90 ? 68  A   B N7    1 
ATOM   378 C C5    . A   B 2 5  ? -6.722  0.378   -11.888 1.00 11.87 ? 68  A   B C5    1 
ATOM   379 C C6    . A   B 2 5  ? -7.118  -0.530  -12.892 1.00 11.83 ? 68  A   B C6    1 
ATOM   380 N N6    . A   B 2 5  ? -7.492  -1.791  -12.644 1.00 11.78 ? 68  A   B N6    1 
ATOM   381 N N1    . A   B 2 5  ? -7.125  -0.089  -14.171 1.00 11.74 ? 68  A   B N1    1 
ATOM   382 C C2    . A   B 2 5  ? -6.764  1.180   -14.414 1.00 11.79 ? 68  A   B C2    1 
ATOM   383 N N3    . A   B 2 5  ? -6.384  2.129   -13.557 1.00 11.83 ? 68  A   B N3    1 
ATOM   384 C C4    . A   B 2 5  ? -6.385  1.659   -12.294 1.00 11.92 ? 68  A   B C4    1 
ATOM   385 P P     . C   B 2 6  ? -7.627  6.161   -7.394  1.00 12.35 ? 69  C   B P     1 
ATOM   386 O OP1   . C   B 2 6  ? -8.778  5.462   -8.029  1.00 12.35 ? 69  C   B OP1   1 
ATOM   387 O OP2   . C   B 2 6  ? -7.755  7.604   -7.034  1.00 12.40 ? 69  C   B OP2   1 
ATOM   388 O "O5'" . C   B 2 6  ? -7.236  5.356   -6.077  1.00 12.39 ? 69  C   B "O5'" 1 
ATOM   389 C "C5'" . C   B 2 6  ? -6.077  5.723   -5.316  1.00 12.44 ? 69  C   B "C5'" 1 
ATOM   390 C "C4'" . C   B 2 6  ? -6.502  6.408   -4.048  1.00 12.45 ? 69  C   B "C4'" 1 
ATOM   391 O "O4'" . C   B 2 6  ? -7.151  5.446   -3.174  1.00 12.45 ? 69  C   B "O4'" 1 
ATOM   392 C "C3'" . C   B 2 6  ? -5.380  6.980   -3.201  1.00 12.50 ? 69  C   B "C3'" 1 
ATOM   393 O "O3'" . C   B 2 6  ? -4.974  8.251   -3.674  1.00 12.61 ? 69  C   B "O3'" 1 
ATOM   394 C "C2'" . C   B 2 6  ? -6.026  7.036   -1.823  1.00 12.46 ? 69  C   B "C2'" 1 
ATOM   395 O "O2'" . C   B 2 6  ? -6.922  8.123   -1.705  1.00 12.49 ? 69  C   B "O2'" 1 
ATOM   396 C "C1'" . C   B 2 6  ? -6.833  5.738   -1.822  1.00 12.41 ? 69  C   B "C1'" 1 
ATOM   397 N N1    . C   B 2 6  ? -6.047  4.613   -1.263  1.00 12.31 ? 69  C   B N1    1 
ATOM   398 C C2    . C   B 2 6  ? -5.938  4.492   0.134   1.00 12.29 ? 69  C   B C2    1 
ATOM   399 O O2    . C   B 2 6  ? -6.500  5.330   0.858   1.00 12.26 ? 69  C   B O2    1 
ATOM   400 N N3    . C   B 2 6  ? -5.218  3.469   0.655   1.00 12.21 ? 69  C   B N3    1 
ATOM   401 C C4    . C   B 2 6  ? -4.613  2.597   -0.155  1.00 12.24 ? 69  C   B C4    1 
ATOM   402 N N4    . C   B 2 6  ? -3.907  1.603   0.405   1.00 12.17 ? 69  C   B N4    1 
ATOM   403 C C5    . C   B 2 6  ? -4.702  2.699   -1.574  1.00 12.21 ? 69  C   B C5    1 
ATOM   404 C C6    . C   B 2 6  ? -5.425  3.709   -2.080  1.00 12.31 ? 69  C   B C6    1 
ATOM   405 P P     . G   B 2 7  ? -3.443  8.704   -3.505  1.00 12.70 ? 70  G   B P     1 
ATOM   406 O OP1   . G   B 2 7  ? -3.303  10.006  -4.213  1.00 12.73 ? 70  G   B OP1   1 
ATOM   407 O OP2   . G   B 2 7  ? -2.535  7.583   -3.853  1.00 12.73 ? 70  G   B OP2   1 
ATOM   408 O "O5'" . G   B 2 7  ? -3.305  8.971   -1.940  1.00 12.68 ? 70  G   B "O5'" 1 
ATOM   409 C "C5'" . G   B 2 7  ? -4.062  10.018  -1.314  1.00 12.66 ? 70  G   B "C5'" 1 
ATOM   410 C "C4'" . G   B 2 7  ? -3.856  9.997   0.177   1.00 12.67 ? 70  G   B "C4'" 1 
ATOM   411 O "O4'" . G   B 2 7  ? -4.328  8.736   0.715   1.00 12.60 ? 70  G   B "O4'" 1 
ATOM   412 C "C3'" . G   B 2 7  ? -2.425  10.116  0.678   1.00 12.70 ? 70  G   B "C3'" 1 
ATOM   413 O "O3'" . G   B 2 7  ? -2.016  11.481  0.730   1.00 12.92 ? 70  G   B "O3'" 1 
ATOM   414 C "C2'" . G   B 2 7  ? -2.521  9.497   2.070   1.00 12.60 ? 70  G   B "C2'" 1 
ATOM   415 O "O2'" . G   B 2 7  ? -3.070  10.409  3.005   1.00 12.59 ? 70  G   B "O2'" 1 
ATOM   416 C "C1'" . G   B 2 7  ? -3.553  8.390   1.848   1.00 12.51 ? 70  G   B "C1'" 1 
ATOM   417 N N9    . G   B 2 7  ? -2.994  7.054   1.659   1.00 12.31 ? 70  G   B N9    1 
ATOM   418 C C8    . G   B 2 7  ? -2.829  6.358   0.481   1.00 12.23 ? 70  G   B C8    1 
ATOM   419 N N7    . G   B 2 7  ? -2.351  5.155   0.661   1.00 12.18 ? 70  G   B N7    1 
ATOM   420 C C5    . G   B 2 7  ? -2.183  5.054   2.037   1.00 12.10 ? 70  G   B C5    1 
ATOM   421 C C6    . G   B 2 7  ? -1.714  3.972   2.841   1.00 12.09 ? 70  G   B C6    1 
ATOM   422 O O6    . G   B 2 7  ? -1.365  2.835   2.486   1.00 12.01 ? 70  G   B O6    1 
ATOM   423 N N1    . G   B 2 7  ? -1.683  4.316   4.192   1.00 12.00 ? 70  G   B N1    1 
ATOM   424 C C2    . G   B 2 7  ? -2.062  5.533   4.704   1.00 12.05 ? 70  G   B C2    1 
ATOM   425 N N2    . G   B 2 7  ? -1.935  5.691   6.029   1.00 12.00 ? 70  G   B N2    1 
ATOM   426 N N3    . G   B 2 7  ? -2.525  6.527   3.973   1.00 12.05 ? 70  G   B N3    1 
ATOM   427 C C4    . G   B 2 7  ? -2.555  6.226   2.662   1.00 12.18 ? 70  G   B C4    1 
ATOM   428 P P     . G   B 2 8  ? -0.462  11.855  0.572   1.00 13.06 ? 71  G   B P     1 
ATOM   429 O OP1   . G   B 2 8  ? -0.393  13.324  0.310   1.00 13.09 ? 71  G   B OP1   1 
ATOM   430 O OP2   . G   B 2 8  ? 0.198   10.916  -0.371  1.00 13.08 ? 71  G   B OP2   1 
ATOM   431 O "O5'" . G   B 2 8  ? 0.153   11.583  2.017   1.00 13.17 ? 71  G   B "O5'" 1 
ATOM   432 C "C5'" . G   B 2 8  ? -0.398  12.211  3.188   1.00 13.39 ? 71  G   B "C5'" 1 
ATOM   433 C "C4'" . G   B 2 8  ? 0.278   11.684  4.435   1.00 13.56 ? 71  G   B "C4'" 1 
ATOM   434 O "O4'" . G   B 2 8  ? 0.017   10.251  4.559   1.00 13.50 ? 71  G   B "O4'" 1 
ATOM   435 C "C3'" . G   B 2 8  ? 1.804   11.850  4.492   1.00 13.72 ? 71  G   B "C3'" 1 
ATOM   436 O "O3'" . G   B 2 8  ? 2.187   12.110  5.844   1.00 14.12 ? 71  G   B "O3'" 1 
ATOM   437 C "C2'" . G   B 2 8  ? 2.300   10.445  4.153   1.00 13.60 ? 71  G   B "C2'" 1 
ATOM   438 O "O2'" . G   B 2 8  ? 3.582   10.109  4.657   1.00 13.61 ? 71  G   B "O2'" 1 
ATOM   439 C "C1'" . G   B 2 8  ? 1.233   9.605   4.844   1.00 13.47 ? 71  G   B "C1'" 1 
ATOM   440 N N9    . G   B 2 8  ? 1.182   8.199   4.458   1.00 13.28 ? 71  G   B N9    1 
ATOM   441 C C8    . G   B 2 8  ? 1.316   7.135   5.313   1.00 13.22 ? 71  G   B C8    1 
ATOM   442 N N7    . G   B 2 8  ? 1.336   5.984   4.702   1.00 13.09 ? 71  G   B N7    1 
ATOM   443 C C5    . G   B 2 8  ? 1.190   6.304   3.360   1.00 13.08 ? 71  G   B C5    1 
ATOM   444 C C6    . G   B 2 8  ? 1.167   5.466   2.220   1.00 13.05 ? 71  G   B C6    1 
ATOM   445 O O6    . G   B 2 8  ? 1.302   4.235   2.170   1.00 12.97 ? 71  G   B O6    1 
ATOM   446 N N1    . G   B 2 8  ? 0.976   6.197   1.051   1.00 13.02 ? 71  G   B N1    1 
ATOM   447 C C2    . G   B 2 8  ? 0.844   7.565   0.988   1.00 13.08 ? 71  G   B C2    1 
ATOM   448 N N2    . G   B 2 8  ? 0.669   8.092   -0.240  1.00 13.07 ? 71  G   B N2    1 
ATOM   449 N N3    . G   B 2 8  ? 0.882   8.358   2.046   1.00 13.08 ? 71  G   B N3    1 
ATOM   450 C C4    . G   B 2 8  ? 1.058   7.666   3.191   1.00 13.16 ? 71  G   B C4    1 
ATOM   451 P P     . U   B 2 9  ? 2.726   13.563  6.278   1.00 14.44 ? 72  U   B P     1 
ATOM   452 O OP1   . U   B 2 9  ? 2.841   13.510  7.763   1.00 14.49 ? 72  U   B OP1   1 
ATOM   453 O OP2   . U   B 2 9  ? 1.879   14.603  5.644   1.00 14.48 ? 72  U   B OP2   1 
ATOM   454 O "O5'" . U   B 2 9  ? 4.200   13.650  5.673   1.00 14.73 ? 72  U   B "O5'" 1 
ATOM   455 C "C5'" . U   B 2 9  ? 4.567   14.677  4.733   1.00 15.22 ? 72  U   B "C5'" 1 
ATOM   456 C "C4'" . U   B 2 9  ? 6.071   14.730  4.568   1.00 15.55 ? 72  U   B "C4'" 1 
ATOM   457 O "O4'" . U   B 2 9  ? 6.679   15.384  5.713   1.00 15.71 ? 72  U   B "O4'" 1 
ATOM   458 C "C3'" . U   B 2 9  ? 6.778   13.384  4.403   1.00 15.70 ? 72  U   B "C3'" 1 
ATOM   459 O "O3'" . U   B 2 9  ? 7.848   13.518  3.464   1.00 15.73 ? 72  U   B "O3'" 1 
ATOM   460 C "C2'" . U   B 2 9  ? 7.359   13.134  5.795   1.00 15.79 ? 72  U   B "C2'" 1 
ATOM   461 O "O2'" . U   B 2 9  ? 8.506   12.304  5.795   1.00 15.86 ? 72  U   B "O2'" 1 
ATOM   462 C "C1'" . U   B 2 9  ? 7.699   14.558  6.237   1.00 15.89 ? 72  U   B "C1'" 1 
ATOM   463 N N1    . U   B 2 9  ? 7.792   14.787  7.687   1.00 16.12 ? 72  U   B N1    1 
ATOM   464 C C2    . U   B 2 9  ? 8.959   15.375  8.168   1.00 16.28 ? 72  U   B C2    1 
ATOM   465 O O2    . U   B 2 9  ? 9.890   15.704  7.447   1.00 16.35 ? 72  U   B O2    1 
ATOM   466 N N3    . U   B 2 9  ? 8.989   15.575  9.524   1.00 16.44 ? 72  U   B N3    1 
ATOM   467 C C4    . U   B 2 9  ? 8.003   15.266  10.433  1.00 16.47 ? 72  U   B C4    1 
ATOM   468 O O4    . U   B 2 9  ? 8.189   15.512  11.631  1.00 16.68 ? 72  U   B O4    1 
ATOM   469 C C5    . U   B 2 9  ? 6.832   14.667  9.868   1.00 16.44 ? 72  U   B C5    1 
ATOM   470 C C6    . U   B 2 9  ? 6.767   14.450  8.547   1.00 16.24 ? 72  U   B C6    1 
ATOM   471 P P     . A   B 2 10 ? 7.589   13.220  1.906   1.00 15.77 ? 73  A   B P     1 
ATOM   472 O OP1   . A   B 2 10 ? 8.903   13.267  1.207   1.00 15.79 ? 73  A   B OP1   1 
ATOM   473 O OP2   . A   B 2 10 ? 6.472   14.082  1.423   1.00 15.81 ? 73  A   B OP2   1 
ATOM   474 O "O5'" . A   B 2 10 ? 7.056   11.721  1.884   1.00 15.60 ? 73  A   B "O5'" 1 
ATOM   475 C "C5'" . A   B 2 10 ? 7.960   10.615  1.919   1.00 15.31 ? 73  A   B "C5'" 1 
ATOM   476 C "C4'" . A   B 2 10 ? 8.018   10.043  3.309   1.00 15.08 ? 73  A   B "C4'" 1 
ATOM   477 O "O4'" . A   B 2 10 ? 6.677   9.697   3.749   1.00 15.03 ? 73  A   B "O4'" 1 
ATOM   478 C "C3'" . A   B 2 10 ? 8.807   8.753   3.417   1.00 14.93 ? 73  A   B "C3'" 1 
ATOM   479 O "O3'" . A   B 2 10 ? 10.199  8.993   3.555   1.00 14.70 ? 73  A   B "O3'" 1 
ATOM   480 C "C2'" . A   B 2 10 ? 8.186   8.096   4.640   1.00 14.93 ? 73  A   B "C2'" 1 
ATOM   481 O "O2'" . A   B 2 10 ? 8.695   8.617   5.852   1.00 14.96 ? 73  A   B "O2'" 1 
ATOM   482 C "C1'" . A   B 2 10 ? 6.711   8.480   4.477   1.00 14.95 ? 73  A   B "C1'" 1 
ATOM   483 N N9    . A   B 2 10 ? 5.987   7.470   3.697   1.00 14.91 ? 73  A   B N9    1 
ATOM   484 C C8    . A   B 2 10 ? 5.287   7.650   2.529   1.00 14.88 ? 73  A   B C8    1 
ATOM   485 N N7    . A   B 2 10 ? 4.807   6.540   2.023   1.00 14.86 ? 73  A   B N7    1 
ATOM   486 C C5    . A   B 2 10 ? 5.205   5.564   2.925   1.00 14.82 ? 73  A   B C5    1 
ATOM   487 C C6    . A   B 2 10 ? 5.023   4.170   2.947   1.00 14.82 ? 73  A   B C6    1 
ATOM   488 N N6    . A   B 2 10 ? 4.385   3.499   1.990   1.00 14.81 ? 73  A   B N6    1 
ATOM   489 N N1    . A   B 2 10 ? 5.536   3.487   3.990   1.00 14.81 ? 73  A   B N1    1 
ATOM   490 C C2    . A   B 2 10 ? 6.195   4.164   4.938   1.00 14.86 ? 73  A   B C2    1 
ATOM   491 N N3    . A   B 2 10 ? 6.441   5.472   5.023   1.00 14.86 ? 73  A   B N3    1 
ATOM   492 C C4    . A   B 2 10 ? 5.913   6.123   3.971   1.00 14.87 ? 73  A   B C4    1 
ATOM   493 P P     . C   B 2 11 ? 11.245  8.045   2.783   1.00 14.50 ? 74  C   B P     1 
ATOM   494 O OP1   . C   B 2 11 ? 12.616  8.505   3.111   1.00 14.51 ? 74  C   B OP1   1 
ATOM   495 O OP2   . C   B 2 11 ? 10.834  7.909   1.370   1.00 14.53 ? 74  C   B OP2   1 
ATOM   496 O "O5'" . C   B 2 11 ? 11.032  6.625   3.467   1.00 14.26 ? 74  C   B "O5'" 1 
ATOM   497 C "C5'" . C   B 2 11 ? 11.398  6.401   4.836   1.00 13.89 ? 74  C   B "C5'" 1 
ATOM   498 C "C4'" . C   B 2 11 ? 11.306  4.932   5.157   1.00 13.66 ? 74  C   B "C4'" 1 
ATOM   499 O "O4'" . C   B 2 11 ? 9.926   4.497   5.038   1.00 13.56 ? 74  C   B "O4'" 1 
ATOM   500 C "C3'" . C   B 2 11 ? 12.077  4.004   4.229   1.00 13.52 ? 74  C   B "C3'" 1 
ATOM   501 O "O3'" . C   B 2 11 ? 13.449  3.899   4.595   1.00 13.41 ? 74  C   B "O3'" 1 
ATOM   502 C "C2'" . C   B 2 11 ? 11.330  2.686   4.398   1.00 13.48 ? 74  C   B "C2'" 1 
ATOM   503 O "O2'" . C   B 2 11 ? 11.712  2.029   5.595   1.00 13.50 ? 74  C   B "O2'" 1 
ATOM   504 C "C1'" . C   B 2 11 ? 9.884   3.171   4.528   1.00 13.45 ? 74  C   B "C1'" 1 
ATOM   505 N N1    . C   B 2 11 ? 9.151   3.180   3.238   1.00 13.30 ? 74  C   B N1    1 
ATOM   506 C C2    . C   B 2 11 ? 8.712   1.957   2.696   1.00 13.25 ? 74  C   B C2    1 
ATOM   507 O O2    . C   B 2 11 ? 8.973   0.902   3.292   1.00 13.15 ? 74  C   B O2    1 
ATOM   508 N N3    . C   B 2 11 ? 8.021   1.961   1.533   1.00 13.18 ? 74  C   B N3    1 
ATOM   509 C C4    . C   B 2 11 ? 7.772   3.110   0.904   1.00 13.17 ? 74  C   B C4    1 
ATOM   510 N N4    . C   B 2 11 ? 7.072   3.058   -0.239  1.00 13.10 ? 74  C   B N4    1 
ATOM   511 C C5    . C   B 2 11 ? 8.223   4.362   1.417   1.00 13.18 ? 74  C   B C5    1 
ATOM   512 C C6    . C   B 2 11 ? 8.899   4.352   2.576   1.00 13.26 ? 74  C   B C6    1 
ATOM   513 P P     . G   B 2 12 ? 14.554  3.584   3.468   1.00 13.31 ? 75  G   B P     1 
ATOM   514 O OP1   . G   B 2 12 ? 15.878  3.691   4.142   1.00 13.34 ? 75  G   B OP1   1 
ATOM   515 O OP2   . G   B 2 12 ? 14.279  4.392   2.259   1.00 13.31 ? 75  G   B OP2   1 
ATOM   516 O "O5'" . G   B 2 12 ? 14.294  2.060   3.088   1.00 13.25 ? 75  G   B "O5'" 1 
ATOM   517 C "C5'" . G   B 2 12 ? 14.576  1.017   4.031   1.00 13.13 ? 75  G   B "C5'" 1 
ATOM   518 C "C4'" . G   B 2 12 ? 14.256  -0.325  3.428   1.00 13.06 ? 75  G   B "C4'" 1 
ATOM   519 O "O4'" . G   B 2 12 ? 12.836  -0.384  3.137   1.00 12.95 ? 75  G   B "O4'" 1 
ATOM   520 C "C3'" . G   B 2 12 ? 14.923  -0.632  2.097   1.00 13.09 ? 75  G   B "C3'" 1 
ATOM   521 O "O3'" . G   B 2 12 ? 16.248  -1.120  2.257   1.00 13.30 ? 75  G   B "O3'" 1 
ATOM   522 C "C2'" . G   B 2 12 ? 13.983  -1.673  1.506   1.00 12.94 ? 75  G   B "C2'" 1 
ATOM   523 O "O2'" . G   B 2 12 ? 14.172  -2.939  2.113   1.00 12.96 ? 75  G   B "O2'" 1 
ATOM   524 C "C1'" . G   B 2 12 ? 12.627  -1.136  1.952   1.00 12.82 ? 75  G   B "C1'" 1 
ATOM   525 N N9    . G   B 2 12 ? 11.992  -0.273  0.955   1.00 12.52 ? 75  G   B N9    1 
ATOM   526 C C8    . G   B 2 12 ? 11.866  1.100   0.983   1.00 12.47 ? 75  G   B C8    1 
ATOM   527 N N7    . G   B 2 12 ? 11.179  1.572   -0.025  1.00 12.31 ? 75  G   B N7    1 
ATOM   528 C C5    . G   B 2 12 ? 10.841  0.447   -0.768  1.00 12.22 ? 75  G   B C5    1 
ATOM   529 C C6    . G   B 2 12 ? 10.077  0.321   -1.966  1.00 12.14 ? 75  G   B C6    1 
ATOM   530 O O6    . G   B 2 12 ? 9.505   1.205   -2.616  1.00 12.07 ? 75  G   B O6    1 
ATOM   531 N N1    . G   B 2 12 ? 10.002  -1.005  -2.385  1.00 12.09 ? 75  G   B N1    1 
ATOM   532 C C2    . G   B 2 12 ? 10.579  -2.072  -1.739  1.00 12.09 ? 75  G   B C2    1 
ATOM   533 N N2    . G   B 2 12 ? 10.422  -3.279  -2.317  1.00 12.04 ? 75  G   B N2    1 
ATOM   534 N N3    . G   B 2 12 ? 11.267  -1.969  -0.614  1.00 12.16 ? 75  G   B N3    1 
ATOM   535 C C4    . G   B 2 12 ? 11.360  -0.695  -0.190  1.00 12.33 ? 75  G   B C4    1 
ATOM   536 P P     . U   B 2 13 ? 17.326  -0.894  1.085   1.00 13.48 ? 76  U   B P     1 
ATOM   537 O OP1   . U   B 2 13 ? 18.637  -1.393  1.601   1.00 13.55 ? 76  U   B OP1   1 
ATOM   538 O OP2   . U   B 2 13 ? 17.224  0.492   0.563   1.00 13.53 ? 76  U   B OP2   1 
ATOM   539 O "O5'" . U   B 2 13 ? 16.854  -1.880  -0.070  1.00 13.58 ? 76  U   B "O5'" 1 
ATOM   540 C "C5'" . U   B 2 13 ? 16.872  -3.304  0.137   1.00 13.75 ? 76  U   B "C5'" 1 
ATOM   541 C "C4'" . U   B 2 13 ? 16.208  -4.014  -1.017  1.00 13.88 ? 76  U   B "C4'" 1 
ATOM   542 O "O4'" . U   B 2 13 ? 14.837  -3.562  -1.133  1.00 13.81 ? 76  U   B "O4'" 1 
ATOM   543 C "C3'" . U   B 2 13 ? 16.804  -3.796  -2.401  1.00 14.03 ? 76  U   B "C3'" 1 
ATOM   544 O "O3'" . U   B 2 13 ? 17.878  -4.697  -2.654  1.00 14.40 ? 76  U   B "O3'" 1 
ATOM   545 C "C2'" . U   B 2 13 ? 15.626  -4.104  -3.312  1.00 13.91 ? 76  U   B "C2'" 1 
ATOM   546 O "O2'" . U   B 2 13 ? 15.455  -5.498  -3.456  1.00 13.98 ? 76  U   B "O2'" 1 
ATOM   547 C "C1'" . U   B 2 13 ? 14.450  -3.563  -2.497  1.00 13.77 ? 76  U   B "C1'" 1 
ATOM   548 N N1    . U   B 2 13 ? 14.033  -2.200  -2.876  1.00 13.54 ? 76  U   B N1    1 
ATOM   549 C C2    . U   B 2 13 ? 13.242  -2.059  -4.009  1.00 13.48 ? 76  U   B C2    1 
ATOM   550 O O2    . U   B 2 13 ? 12.930  -2.996  -4.721  1.00 13.38 ? 76  U   B O2    1 
ATOM   551 N N3    . U   B 2 13 ? 12.840  -0.773  -4.278  1.00 13.34 ? 76  U   B N3    1 
ATOM   552 C C4    . U   B 2 13 ? 13.148  0.362   -3.557  1.00 13.38 ? 76  U   B C4    1 
ATOM   553 O O4    . U   B 2 13 ? 12.654  1.438   -3.885  1.00 13.29 ? 76  U   B O4    1 
ATOM   554 C C5    . U   B 2 13 ? 13.995  0.139   -2.424  1.00 13.38 ? 76  U   B C5    1 
ATOM   555 C C6    . U   B 2 13 ? 14.396  -1.100  -2.130  1.00 13.46 ? 76  U   B C6    1 
ATOM   556 P P     . U   B 2 14 ? 19.101  -4.242  -3.590  1.00 14.71 ? 77  U   B P     1 
ATOM   557 O OP1   . U   B 2 14 ? 20.114  -5.333  -3.573  1.00 14.71 ? 77  U   B OP1   1 
ATOM   558 O OP2   . U   B 2 14 ? 19.507  -2.868  -3.203  1.00 14.70 ? 77  U   B OP2   1 
ATOM   559 O "O5'" . U   B 2 14 ? 18.484  -4.164  -5.061  1.00 14.79 ? 77  U   B "O5'" 1 
ATOM   560 C "C5'" . U   B 2 14 ? 17.893  -5.313  -5.695  1.00 15.00 ? 77  U   B "C5'" 1 
ATOM   561 C "C4'" . U   B 2 14 ? 17.016  -4.881  -6.851  1.00 15.15 ? 77  U   B "C4'" 1 
ATOM   562 O "O4'" . U   B 2 14 ? 15.966  -4.018  -6.347  1.00 15.13 ? 77  U   B "O4'" 1 
ATOM   563 C "C3'" . U   B 2 14 ? 17.695  -4.083  -7.958  1.00 15.21 ? 77  U   B "C3'" 1 
ATOM   564 O "O3'" . U   B 2 14 ? 18.214  -5.001  -8.932  1.00 15.41 ? 77  U   B "O3'" 1 
ATOM   565 C "C2'" . U   B 2 14 ? 16.552  -3.249  -8.534  1.00 15.18 ? 77  U   B "C2'" 1 
ATOM   566 O "O2'" . U   B 2 14 ? 15.812  -3.957  -9.507  1.00 15.18 ? 77  U   B "O2'" 1 
ATOM   567 C "C1'" . U   B 2 14 ? 15.659  -3.025  -7.310  1.00 15.12 ? 77  U   B "C1'" 1 
ATOM   568 N N1    . U   B 2 14 ? 15.743  -1.697  -6.674  1.00 15.03 ? 77  U   B N1    1 
ATOM   569 C C2    . U   B 2 14 ? 14.959  -0.672  -7.198  1.00 14.94 ? 77  U   B C2    1 
ATOM   570 O O2    . U   B 2 14 ? 14.247  -0.813  -8.179  1.00 14.92 ? 77  U   B O2    1 
ATOM   571 N N3    . U   B 2 14 ? 15.045  0.525   -6.528  1.00 14.89 ? 77  U   B N3    1 
ATOM   572 C C4    . U   B 2 14 ? 15.823  0.808   -5.425  1.00 14.90 ? 77  U   B C4    1 
ATOM   573 O O4    . U   B 2 14 ? 15.791  1.938   -4.932  1.00 14.82 ? 77  U   B O4    1 
ATOM   574 C C5    . U   B 2 14 ? 16.618  -0.289  -4.957  1.00 14.89 ? 77  U   B C5    1 
ATOM   575 C C6    . U   B 2 14 ? 16.556  -1.470  -5.582  1.00 14.99 ? 77  U   B C6    1 
ATOM   576 P P     . U   B 2 15 ? 19.301  -4.518  -10.020 1.00 15.45 ? 78  U   B P     1 
ATOM   577 O OP1   . U   B 2 15 ? 20.098  -5.725  -10.372 1.00 15.53 ? 78  U   B OP1   1 
ATOM   578 O OP2   . U   B 2 15 ? 20.004  -3.291  -9.557  1.00 15.54 ? 78  U   B OP2   1 
ATOM   579 O "O5'" . U   B 2 15 ? 18.436  -4.104  -11.289 1.00 15.52 ? 78  U   B "O5'" 1 
ATOM   580 C "C5'" . U   B 2 15 ? 17.844  -5.089  -12.160 1.00 15.60 ? 78  U   B "C5'" 1 
ATOM   581 C "C4'" . U   B 2 15 ? 17.310  -4.406  -13.395 1.00 15.67 ? 78  U   B "C4'" 1 
ATOM   582 O "O4'" . U   B 2 15 ? 16.181  -3.571  -13.027 1.00 15.68 ? 78  U   B "O4'" 1 
ATOM   583 C "C3'" . U   B 2 15 ? 18.318  -3.459  -14.027 1.00 15.74 ? 78  U   B "C3'" 1 
ATOM   584 O "O3'" . U   B 2 15 ? 19.327  -4.137  -14.796 1.00 15.85 ? 78  U   B "O3'" 1 
ATOM   585 C "C2'" . U   B 2 15 ? 17.441  -2.405  -14.679 1.00 15.74 ? 78  U   B "C2'" 1 
ATOM   586 O "O2'" . U   B 2 15 ? 17.965  -1.256  -15.294 1.00 15.81 ? 78  U   B "O2'" 1 
ATOM   587 C "C1'" . U   B 2 15 ? 16.204  -2.363  -13.774 1.00 15.70 ? 78  U   B "C1'" 1 
ATOM   588 N N1    . U   B 2 15 ? 16.112  -1.229  -12.833 1.00 15.63 ? 78  U   B N1    1 
ATOM   589 C C2    . U   B 2 15 ? 15.310  -0.147  -13.182 1.00 15.63 ? 78  U   B C2    1 
ATOM   590 O O2    . U   B 2 15 ? 14.735  -0.056  -14.258 1.00 15.67 ? 78  U   B O2    1 
ATOM   591 N N3    . U   B 2 15 ? 15.209  0.834   -12.226 1.00 15.56 ? 78  U   B N3    1 
ATOM   592 C C4    . U   B 2 15 ? 15.819  0.860   -10.989 1.00 15.51 ? 78  U   B C4    1 
ATOM   593 O O4    . U   B 2 15 ? 15.561  1.780   -10.207 1.00 15.51 ? 78  U   B O4    1 
ATOM   594 C C5    . U   B 2 15 ? 16.657  -0.267  -10.717 1.00 15.55 ? 78  U   B C5    1 
ATOM   595 C C6    . U   B 2 15 ? 16.775  -1.248  -11.624 1.00 15.60 ? 78  U   B C6    1 
HETATM 596 O O     . HOH C 3 .  ? 6.865   -9.391  -7.177  1.00 15.66 ? 85  HOH A O     1 
HETATM 597 O O     . HOH C 3 .  ? 9.480   -7.534  -4.490  1.00 19.65 ? 87  HOH A O     1 
HETATM 598 O O     . HOH C 3 .  ? 3.096   -0.611  -0.055  1.00 21.00 ? 90  HOH A O     1 
HETATM 599 O O     . HOH C 3 .  ? 3.380   -3.911  -0.436  1.00 17.47 ? 93  HOH A O     1 
HETATM 600 O O     . HOH C 3 .  ? -11.671 1.755   -2.751  1.00 22.16 ? 95  HOH A O     1 
HETATM 601 O O     . HOH C 3 .  ? 3.677   -1.140  -3.684  1.00 22.08 ? 96  HOH A O     1 
HETATM 602 O O     . HOH C 3 .  ? -12.214 7.983   -0.974  1.00 36.35 ? 97  HOH A O     1 
HETATM 603 O O     . HOH C 3 .  ? 8.134   3.937   -5.961  1.00 25.64 ? 99  HOH A O     1 
HETATM 604 O O     . HOH C 3 .  ? -3.882  -1.462  6.341   1.00 17.06 ? 102 HOH A O     1 
HETATM 605 O O     . HOH C 3 .  ? -6.647  -0.845  9.208   1.00 25.57 ? 107 HOH A O     1 
HETATM 606 O O     . HOH C 3 .  ? -3.642  -1.273  3.235   1.00 23.23 ? 108 HOH A O     1 
HETATM 607 O O     . HOH C 3 .  ? -14.058 2.991   -2.665  1.00 23.51 ? 110 HOH A O     1 
HETATM 608 O O     . HOH C 3 .  ? -0.947  -2.426  4.086   1.00 22.41 ? 113 HOH A O     1 
HETATM 609 O O     . HOH C 3 .  ? -17.692 -2.768  2.602   1.00 31.51 ? 116 HOH A O     1 
HETATM 610 O O     . HOH C 3 .  ? -0.447  -0.848  1.534   1.00 33.03 ? 118 HOH A O     1 
HETATM 611 O O     . HOH C 3 .  ? -9.532  6.079   1.718   1.00 31.89 ? 119 HOH A O     1 
HETATM 612 O O     . HOH C 3 .  ? -2.520  -2.446  8.778   1.00 23.12 ? 121 HOH A O     1 
HETATM 613 O O     . HOH C 3 .  ? 4.651   -10.437 -5.882  1.00 16.44 ? 126 HOH A O     1 
HETATM 614 O O     . HOH C 3 .  ? 1.801   -5.237  2.693   1.00 27.11 ? 131 HOH A O     1 
HETATM 615 O O     . HOH C 3 .  ? -12.901 1.294   11.003  1.00 36.07 ? 134 HOH A O     1 
HETATM 616 O O     . HOH C 3 .  ? -14.987 7.357   6.935   1.00 36.59 ? 141 HOH A O     1 
HETATM 617 O O     . HOH C 3 .  ? -4.272  -4.613  14.110  1.00 26.38 ? 142 HOH A O     1 
HETATM 618 O O     . HOH C 3 .  ? 6.156   -12.934 -7.765  1.00 27.25 ? 144 HOH A O     1 
HETATM 619 O O     . HOH C 3 .  ? -18.307 -0.470  -5.134  1.00 41.07 ? 145 HOH A O     1 
HETATM 620 O O     . HOH C 3 .  ? 7.089   -7.935  7.757   1.00 17.32 ? 146 HOH A O     1 
HETATM 621 O O     . HOH C 3 .  ? -0.800  -6.852  3.680   1.00 41.07 ? 149 HOH A O     1 
HETATM 622 O O     . HOH C 3 .  ? 0.843   -5.574  -6.812  1.00 26.64 ? 150 HOH A O     1 
HETATM 623 O O     . HOH C 3 .  ? 0.477   -7.421  9.109   1.00 32.26 ? 151 HOH A O     1 
HETATM 624 O O     . HOH C 3 .  ? -12.605 -0.044  -4.659  1.00 36.13 ? 154 HOH A O     1 
HETATM 625 O O     . HOH C 3 .  ? -20.205 -7.663  -6.320  1.00 36.85 ? 157 HOH A O     1 
HETATM 626 O O     . HOH C 3 .  ? 1.763   -2.607  1.932   1.00 27.18 ? 204 HOH A O     1 
HETATM 627 O O     . HOH C 3 .  ? 2.262   -4.095  -2.862  1.00 29.23 ? 205 HOH A O     1 
HETATM 628 O O     . HOH C 3 .  ? 1.681   2.224   -12.969 1.00 32.52 ? 206 HOH A O     1 
HETATM 629 O O     . HOH C 3 .  ? 4.678   1.971   -5.827  1.00 38.99 ? 207 HOH A O     1 
HETATM 630 O O     . HOH C 3 .  ? 6.287   4.370   -4.137  1.00 30.08 ? 208 HOH A O     1 
HETATM 631 O O     . HOH C 3 .  ? 0.619   -9.364  -6.447  1.00 37.87 ? 209 HOH A O     1 
HETATM 632 O O     . HOH C 3 .  ? 1.276   -6.971  -1.440  1.00 34.94 ? 210 HOH A O     1 
HETATM 633 O O     . HOH C 3 .  ? 0.060   -3.864  6.324   1.00 29.49 ? 212 HOH A O     1 
HETATM 634 O O     . HOH C 3 .  ? -2.180  -3.782  12.876  1.00 31.77 ? 213 HOH A O     1 
HETATM 635 O O     . HOH C 3 .  ? -2.184  -1.926  15.019  1.00 31.89 ? 214 HOH A O     1 
HETATM 636 O O     . HOH C 3 .  ? -6.491  -2.084  6.800   1.00 29.99 ? 215 HOH A O     1 
HETATM 637 O O     . HOH C 3 .  ? -9.667  -2.202  5.759   1.00 35.12 ? 216 HOH A O     1 
HETATM 638 O O     . HOH C 3 .  ? -11.654 -0.369  6.264   1.00 32.89 ? 218 HOH A O     1 
HETATM 639 O O     . HOH C 3 .  ? -19.424 -5.052  3.254   1.00 34.50 ? 220 HOH A O     1 
HETATM 640 O O     . HOH C 3 .  ? -14.360 -8.720  7.113   1.00 35.07 ? 221 HOH A O     1 
HETATM 641 O O     . HOH C 3 .  ? 1.538   3.850   -6.120  1.00 46.42 ? 229 HOH A O     1 
HETATM 642 O O     . HOH C 3 .  ? 7.414   3.162   7.906   1.00 30.00 ? 239 HOH A O     1 
HETATM 643 O O     . HOH C 3 .  ? 1.852   -10.679 0.518   1.00 25.25 ? 249 HOH A O     1 
HETATM 644 O O     . HOH C 3 .  ? -14.622 -4.068  -4.895  1.00 26.23 ? 250 HOH A O     1 
HETATM 645 O O     . HOH C 3 .  ? -6.046  7.122   7.012   1.00 30.66 ? 254 HOH A O     1 
HETATM 646 O O     . HOH C 3 .  ? 0.729   -0.562  15.666  1.00 33.82 ? 259 HOH A O     1 
HETATM 647 O O     . HOH C 3 .  ? 0.870   4.809   -11.167 1.00 39.73 ? 260 HOH A O     1 
HETATM 648 O O     . HOH C 3 .  ? -14.081 -1.806  5.144   1.00 28.34 ? 262 HOH A O     1 
HETATM 649 O O     . HOH C 3 .  ? 3.435   -11.816 -8.117  1.00 41.47 ? 263 HOH A O     1 
HETATM 650 O O     . HOH C 3 .  ? -20.769 3.638   0.837   1.00 51.28 ? 264 HOH A O     1 
HETATM 651 O O     . HOH C 3 .  ? -12.026 -3.483  5.840   1.00 42.42 ? 267 HOH A O     1 
HETATM 652 O O     . HOH C 3 .  ? -13.886 -1.612  8.116   1.00 41.92 ? 270 HOH A O     1 
HETATM 653 O O     . HOH C 3 .  ? -23.850 -1.231  -3.755  1.00 51.64 ? 271 HOH A O     1 
HETATM 654 O O     . HOH C 3 .  ? -19.627 -8.657  7.321   1.00 35.87 ? 272 HOH A O     1 
HETATM 655 O O     . HOH C 3 .  ? -8.521  0.956   14.297  1.00 44.82 ? 274 HOH A O     1 
HETATM 656 O O     . HOH C 3 .  ? -13.018 5.662   -3.183  1.00 43.17 ? 275 HOH A O     1 
HETATM 657 O O     . HOH D 3 .  ? 1.387   5.008   -1.541  1.00 29.19 ? 79  HOH B O     1 
HETATM 658 O O     . HOH D 3 .  ? -8.022  -4.016  6.479   1.00 28.89 ? 80  HOH B O     1 
HETATM 659 O O     . HOH D 3 .  ? 12.932  3.648   -2.253  1.00 10.36 ? 81  HOH B O     1 
HETATM 660 O O     . HOH D 3 .  ? -0.402  15.352  4.561   1.00 10.19 ? 82  HOH B O     1 
HETATM 661 O O     . HOH D 3 .  ? 11.730  -5.742  -1.211  1.00 16.46 ? 83  HOH B O     1 
HETATM 662 O O     . HOH D 3 .  ? 9.909   3.971   -1.676  1.00 14.34 ? 84  HOH B O     1 
HETATM 663 O O     . HOH D 3 .  ? -1.268  3.644   -1.532  1.00 17.08 ? 86  HOH B O     1 
HETATM 664 O O     . HOH D 3 .  ? -2.436  4.510   -3.967  1.00 22.32 ? 88  HOH B O     1 
HETATM 665 O O     . HOH D 3 .  ? -7.341  -2.508  -9.823  1.00 20.11 ? 89  HOH B O     1 
HETATM 666 O O     . HOH D 3 .  ? 3.783   15.404  9.519   1.00 19.32 ? 91  HOH B O     1 
HETATM 667 O O     . HOH D 3 .  ? -9.484  3.634   -3.916  1.00 18.80 ? 92  HOH B O     1 
HETATM 668 O O     . HOH D 3 .  ? 17.452  2.856   -2.665  1.00 19.16 ? 94  HOH B O     1 
HETATM 669 O O     . HOH D 3 .  ? 18.758  0.536   -2.210  1.00 24.82 ? 98  HOH B O     1 
HETATM 670 O O     . HOH D 3 .  ? 11.956  5.055   0.708   1.00 19.00 ? 100 HOH B O     1 
HETATM 671 O O     . HOH D 3 .  ? -2.890  -0.551  -8.457  1.00 27.78 ? 101 HOH B O     1 
HETATM 672 O O     . HOH D 3 .  ? 4.076   15.174  12.135  1.00 22.89 ? 103 HOH B O     1 
HETATM 673 O O     . HOH D 3 .  ? 0.511   -14.127 2.787   1.00 34.12 ? 104 HOH B O     1 
HETATM 674 O O     . HOH D 3 .  ? 15.978  -3.845  4.034   1.00 26.57 ? 105 HOH B O     1 
HETATM 675 O O     . HOH D 3 .  ? -4.250  -2.894  0.433   1.00 21.32 ? 106 HOH B O     1 
HETATM 676 O O     . HOH D 3 .  ? -2.854  -0.753  -3.861  1.00 21.57 ? 109 HOH B O     1 
HETATM 677 O O     . HOH D 3 .  ? -0.946  -8.454  0.341   1.00 36.16 ? 111 HOH B O     1 
HETATM 678 O O     . HOH D 3 .  ? 10.184  5.758   8.702   1.00 33.01 ? 112 HOH B O     1 
HETATM 679 O O     . HOH D 3 .  ? -5.622  -14.359 2.904   1.00 21.63 ? 114 HOH B O     1 
HETATM 680 O O     . HOH D 3 .  ? 4.245   9.514   7.161   1.00 26.57 ? 115 HOH B O     1 
HETATM 681 O O     . HOH D 3 .  ? 13.601  -5.472  1.204   1.00 17.51 ? 120 HOH B O     1 
HETATM 682 O O     . HOH D 3 .  ? -0.275  -3.199  -3.344  1.00 37.52 ? 122 HOH B O     1 
HETATM 683 O O     . HOH D 3 .  ? -2.824  1.253   -10.628 1.00 22.50 ? 123 HOH B O     1 
HETATM 684 O O     . HOH D 3 .  ? 0.047   1.943   0.302   1.00 26.89 ? 128 HOH B O     1 
HETATM 685 O O     . HOH D 3 .  ? -2.533  -13.295 7.125   1.00 42.74 ? 129 HOH B O     1 
HETATM 686 O O     . HOH D 3 .  ? -7.908  8.451   1.451   1.00 35.56 ? 130 HOH B O     1 
HETATM 687 O O     . HOH D 3 .  ? 12.582  -1.125  -15.795 1.00 35.66 ? 133 HOH B O     1 
HETATM 688 O O     . HOH D 3 .  ? -10.918 -11.449 0.679   1.00 25.65 ? 136 HOH B O     1 
HETATM 689 O O     . HOH D 3 .  ? -2.455  -0.612  -0.980  1.00 23.72 ? 137 HOH B O     1 
HETATM 690 O O     . HOH D 3 .  ? -7.285  -5.443  -8.649  1.00 25.01 ? 139 HOH B O     1 
HETATM 691 O O     . HOH D 3 .  ? 11.593  10.161  6.759   1.00 32.31 ? 140 HOH B O     1 
HETATM 692 O O     . HOH D 3 .  ? -0.972  -12.589 0.159   1.00 29.06 ? 147 HOH B O     1 
HETATM 693 O O     . HOH D 3 .  ? 12.503  2.827   8.130   1.00 31.86 ? 148 HOH B O     1 
HETATM 694 O O     . HOH D 3 .  ? -0.932  -8.120  -4.869  1.00 27.36 ? 152 HOH B O     1 
HETATM 695 O O     . HOH D 3 .  ? -10.545 -5.056  8.201   1.00 33.81 ? 153 HOH B O     1 
HETATM 696 O O     . HOH D 3 .  ? 11.574  -5.056  -5.926  1.00 28.21 ? 156 HOH B O     1 
HETATM 697 O O     . HOH D 3 .  ? -5.941  -16.427 5.174   1.00 44.40 ? 158 HOH B O     1 
HETATM 698 O O     . HOH D 3 .  ? -3.410  -0.594  -12.496 1.00 21.71 ? 159 HOH B O     1 
HETATM 699 O O     . HOH D 3 .  ? 0.212   6.916   -2.955  1.00 33.53 ? 201 HOH B O     1 
HETATM 700 O O     . HOH D 3 .  ? 3.553   3.750   -1.454  1.00 36.36 ? 203 HOH B O     1 
HETATM 701 O O     . HOH D 3 .  ? -0.981  -4.439  1.488   1.00 34.22 ? 211 HOH B O     1 
HETATM 702 O O     . HOH D 3 .  ? -8.379  -8.982  10.005  1.00 34.70 ? 222 HOH B O     1 
HETATM 703 O O     . HOH D 3 .  ? -2.939  -13.967 3.024   1.00 37.60 ? 223 HOH B O     1 
HETATM 704 O O     . HOH D 3 .  ? -2.801  -4.962  -0.592  1.00 29.29 ? 224 HOH B O     1 
HETATM 705 O O     . HOH D 3 .  ? -2.359  6.910   -6.661  1.00 28.41 ? 225 HOH B O     1 
HETATM 706 O O     . HOH D 3 .  ? -10.684 5.048   -5.971  1.00 27.19 ? 226 HOH B O     1 
HETATM 707 O O     . HOH D 3 .  ? -8.719  2.692   -8.190  1.00 10.73 ? 227 HOH B O     1 
HETATM 708 O O     . HOH D 3 .  ? -7.241  10.402  -3.513  1.00 29.23 ? 228 HOH B O     1 
HETATM 709 O O     . HOH D 3 .  ? 4.455   11.159  2.108   1.00 21.23 ? 230 HOH B O     1 
HETATM 710 O O     . HOH D 3 .  ? 4.540   6.429   -0.785  1.00 33.45 ? 231 HOH B O     1 
HETATM 711 O O     . HOH D 3 .  ? 3.280   10.352  -0.141  1.00 29.21 ? 232 HOH B O     1 
HETATM 712 O O     . HOH D 3 .  ? 6.453   16.585  0.456   1.00 27.43 ? 233 HOH B O     1 
HETATM 713 O O     . HOH D 3 .  ? 7.088   10.553  7.987   1.00 36.29 ? 234 HOH B O     1 
HETATM 714 O O     . HOH D 3 .  ? 9.522   16.879  1.971   1.00 32.60 ? 235 HOH B O     1 
HETATM 715 O O     . HOH D 3 .  ? 8.382   7.690   -0.306  1.00 26.66 ? 236 HOH B O     1 
HETATM 716 O O     . HOH D 3 .  ? 7.030   5.681   -1.720  1.00 34.62 ? 237 HOH B O     1 
HETATM 717 O O     . HOH D 3 .  ? 7.074   5.978   7.687   1.00 34.03 ? 238 HOH B O     1 
HETATM 718 O O     . HOH D 3 .  ? 13.429  7.117   8.082   1.00 42.14 ? 240 HOH B O     1 
HETATM 719 O O     . HOH D 3 .  ? 16.250  3.577   6.796   1.00 41.74 ? 241 HOH B O     1 
HETATM 720 O O     . HOH D 3 .  ? 15.500  2.688   -0.072  1.00 14.72 ? 242 HOH B O     1 
HETATM 721 O O     . HOH D 3 .  ? 18.039  2.440   2.983   1.00 35.13 ? 243 HOH B O     1 
HETATM 722 O O     . HOH D 3 .  ? 18.223  4.630   0.154   1.00 32.10 ? 244 HOH B O     1 
HETATM 723 O O     . HOH D 3 .  ? 20.564  -2.466  -0.596  1.00 36.42 ? 245 HOH B O     1 
HETATM 724 O O     . HOH D 3 .  ? 20.200  -7.537  -8.421  1.00 34.87 ? 246 HOH B O     1 
HETATM 725 O O     . HOH D 3 .  ? 22.789  -8.767  -8.956  1.00 38.48 ? 247 HOH B O     1 
HETATM 726 O O     . HOH D 3 .  ? 21.084  -9.828  -11.371 1.00 40.17 ? 248 HOH B O     1 
HETATM 727 O O     . HOH D 3 .  ? -1.952  -7.051  -7.171  1.00 30.00 ? 251 HOH B O     1 
HETATM 728 O O     . HOH D 3 .  ? -10.317 4.828   -1.300  1.00 26.60 ? 252 HOH B O     1 
HETATM 729 O O     . HOH D 3 .  ? -0.827  17.080  1.882   1.00 30.97 ? 253 HOH B O     1 
HETATM 730 O O     . HOH D 3 .  ? -9.898  8.194   -5.137  1.00 37.03 ? 255 HOH B O     1 
HETATM 731 O O     . HOH D 3 .  ? -0.621  -10.338 -1.389  1.00 39.87 ? 256 HOH B O     1 
HETATM 732 O O     . HOH D 3 .  ? 15.365  8.066   4.697   1.00 33.48 ? 257 HOH B O     1 
HETATM 733 O O     . HOH D 3 .  ? 15.021  7.102   2.028   1.00 33.85 ? 258 HOH B O     1 
HETATM 734 O O     . HOH D 3 .  ? -1.424  -11.205 5.692   1.00 57.04 ? 261 HOH B O     1 
HETATM 735 O O     . HOH D 3 .  ? 18.804  -8.877  -6.561  1.00 33.29 ? 265 HOH B O     1 
HETATM 736 O O     . HOH D 3 .  ? 11.497  18.258  5.822   1.00 46.27 ? 266 HOH B O     1 
HETATM 737 O O     . HOH D 3 .  ? -5.645  -3.638  3.445   1.00 29.46 ? 268 HOH B O     1 
HETATM 738 O O     . HOH D 3 .  ? 6.616   7.458   12.506  1.00 37.62 ? 269 HOH B O     1 
HETATM 739 O O     . HOH D 3 .  ? -4.857  -14.537 7.552   1.00 42.85 ? 273 HOH B O     1 
# 
